data_6LJA
#
_entry.id   6LJA
#
_cell.length_a   59.475
_cell.length_b   108.333
_cell.length_c   128.685
_cell.angle_alpha   90.000
_cell.angle_beta   90.000
_cell.angle_gamma   90.000
#
_symmetry.space_group_name_H-M   'P 21 21 21'
#
loop_
_entity.id
_entity.type
_entity.pdbx_description
1 polymer 'Heparinase II/III-like protein'
2 branched '4-deoxy-2-O-sulfo-alpha-L-threo-hex-4-enopyranuronic acid-(1-4)-2-deoxy-6-O-sulfo-2-(sulfoamino)-alpha-D-glucopyranose'
3 non-polymer 'CALCIUM ION'
4 water water
#
_entity_poly.entity_id   1
_entity_poly.type   'polypeptide(L)'
_entity_poly.pdbx_seq_one_letter_code
;MKKIILGLSVLCLLMACGSSEQPAVIKVSEETLMYEVRATPSPADGTYVKVNPPRFMWPDKFPHLGPVLDGVPGQVDEKP
KVVYRIRISQDKNFRKDVLTGERAWAFFNPFQCLAQGKWYWQHAYVTPEGTEEWSPVYQFYIDKDTPEFNPPTLEKVLAR
YPSHHPRVLLDADDWENIIAKNNNNPEARTYMDKASQCISRPLKHLQEEIDTTNVVTLTNIVQRESALIRESRKIVDREE
ANVEALVRAYLLTKDEKYYREGINRLSEILSWQKSKYFAGDFNLSTLLSMSTSAYDGFYNLLSPEEKQLLLDNIRKIGDK
FYNEYVNHLENRIADNHVWQMTFRILTMAAFATVGEIPEASVWTDYCYNEWISRLPGLHKDGGWHNGDAYFHVNIRTLIE
VPVFFSRISGFNFFADPWYNNNALYVIYQQPPFSKSGGHGNSHEGQRSPNGGRIGYADALARECNNPWAAAYVHEIMQED
PDILSKAFEAKPADLTWYRCTTPKERPAYSKHLSELPESKVFKQTGTALMNTDIGHHANNAMLSFRSSPYGSTSHALANQ
NAFNTFFGGKAIFYSSGHRTGFTDDHCMYAYRNTRAHNSILVNGMGQKIGTEGYGWIPRYYEGEEISYVVGDASNAYGKV
VSPLWLERGRLSGTQFTPEKGWDENKLEFFRRHVVQLGRSGLFVVYDELAGKEPVEWNYLLHTVELPMEVVKEEGGLRIL
GKNKADGISIAHLYSSQEMTYAQTDTFFVAALDWKKRLGKALPNHYHFTATTAPCNKVFFLNIIDVHGNNRADAVINHQG
NHITVEGWVIECNLDSEGKAFLHIENKQNGASLDFNYNSNKGATTIVDQVDGKRIEKRLVDSLPEPEILEHHHHHH
;
_entity_poly.pdbx_strand_id   A
#
loop_
_chem_comp.id
_chem_comp.type
_chem_comp.name
_chem_comp.formula
CA non-polymer 'CALCIUM ION' 'Ca 2'
SGN D-saccharide, alpha linking 2-deoxy-6-O-sulfo-2-(sulfoamino)-alpha-D-glucopyranose 'C6 H13 N O11 S2'
UAP L-saccharide, alpha linking '4-deoxy-2-O-sulfo-alpha-L-threo-hex-4-enopyranuronic acid' 'C6 H8 O9 S'
#
# COMPACT_ATOMS: atom_id res chain seq x y z
N ALA A 24 25.53 -14.94 -10.95
CA ALA A 24 25.12 -13.60 -10.51
C ALA A 24 23.68 -13.29 -10.92
N VAL A 25 23.21 -13.94 -11.98
CA VAL A 25 21.85 -13.70 -12.48
C VAL A 25 20.92 -14.85 -12.12
N ILE A 26 19.91 -14.56 -11.30
CA ILE A 26 18.91 -15.55 -10.89
C ILE A 26 17.69 -15.54 -11.80
N LYS A 27 17.30 -16.70 -12.29
CA LYS A 27 16.05 -16.86 -13.04
C LYS A 27 14.96 -17.45 -12.15
N VAL A 28 13.78 -16.82 -12.16
CA VAL A 28 12.63 -17.29 -11.38
C VAL A 28 11.68 -18.05 -12.29
N SER A 29 11.20 -19.21 -11.85
CA SER A 29 10.34 -20.03 -12.71
C SER A 29 8.95 -20.27 -12.13
N GLU A 30 8.59 -19.45 -11.14
CA GLU A 30 7.34 -19.58 -10.40
C GLU A 30 6.16 -18.90 -11.10
N GLU A 31 4.98 -19.52 -11.04
CA GLU A 31 3.80 -18.92 -11.66
C GLU A 31 3.40 -17.67 -10.87
N THR A 32 3.67 -17.68 -9.57
CA THR A 32 3.41 -16.50 -8.74
C THR A 32 4.44 -16.41 -7.60
N LEU A 33 4.76 -15.20 -7.15
CA LEU A 33 5.59 -15.04 -5.95
C LEU A 33 4.73 -14.88 -4.70
N MET A 34 3.60 -14.18 -4.82
CA MET A 34 2.70 -14.02 -3.67
C MET A 34 1.35 -14.65 -3.98
N TYR A 35 0.67 -15.12 -2.94
CA TYR A 35 -0.56 -15.87 -3.14
C TYR A 35 -1.77 -15.11 -2.61
N GLU A 36 -2.85 -15.06 -3.39
CA GLU A 36 -4.11 -14.48 -2.93
C GLU A 36 -4.58 -15.19 -1.65
N VAL A 37 -4.39 -16.50 -1.62
CA VAL A 37 -4.80 -17.34 -0.50
C VAL A 37 -3.61 -18.18 -0.07
N ARG A 38 -3.25 -18.08 1.22
CA ARG A 38 -2.01 -18.69 1.72
C ARG A 38 -1.85 -20.15 1.30
N ALA A 39 -0.67 -20.47 0.76
CA ALA A 39 -0.40 -21.81 0.25
C ALA A 39 0.74 -22.51 0.99
N THR A 40 1.52 -21.77 1.77
CA THR A 40 2.72 -22.28 2.42
C THR A 40 2.76 -21.84 3.90
N PRO A 41 3.47 -22.61 4.76
CA PRO A 41 3.55 -22.25 6.18
C PRO A 41 4.55 -21.13 6.46
N SER A 42 4.33 -20.38 7.53
CA SER A 42 5.33 -19.46 8.04
C SER A 42 5.52 -19.77 9.53
N PRO A 43 6.79 -19.80 9.99
CA PRO A 43 8.00 -19.54 9.21
C PRO A 43 8.29 -20.64 8.20
N ALA A 44 8.84 -20.28 7.05
CA ALA A 44 9.13 -21.24 6.00
C ALA A 44 10.13 -22.30 6.47
N ASP A 45 9.97 -23.50 5.92
CA ASP A 45 10.80 -24.65 6.23
C ASP A 45 12.29 -24.35 6.06
N GLY A 46 13.07 -24.65 7.12
CA GLY A 46 14.51 -24.53 7.08
C GLY A 46 15.08 -23.12 7.13
N THR A 47 14.27 -22.15 7.56
CA THR A 47 14.68 -20.74 7.57
C THR A 47 15.12 -20.22 8.94
N TYR A 48 15.90 -19.14 8.93
CA TYR A 48 16.18 -18.39 10.15
C TYR A 48 15.09 -17.33 10.32
N VAL A 49 14.33 -17.41 11.41
CA VAL A 49 13.20 -16.50 11.61
C VAL A 49 13.67 -15.05 11.75
N LYS A 50 12.80 -14.11 11.41
CA LYS A 50 13.15 -12.69 11.48
C LYS A 50 12.79 -12.07 12.82
N VAL A 51 12.07 -12.83 13.64
CA VAL A 51 11.68 -12.34 14.97
C VAL A 51 11.40 -13.50 15.93
N ASN A 52 11.66 -13.26 17.22
CA ASN A 52 11.47 -14.24 18.28
C ASN A 52 10.49 -13.64 19.30
N PRO A 53 9.37 -14.32 19.57
CA PRO A 53 8.91 -15.61 19.02
C PRO A 53 8.48 -15.54 17.55
N PRO A 54 8.61 -16.66 16.83
CA PRO A 54 8.10 -16.69 15.45
C PRO A 54 6.59 -16.48 15.47
N ARG A 55 6.05 -15.96 14.38
CA ARG A 55 4.61 -15.89 14.19
C ARG A 55 4.20 -17.05 13.29
N PHE A 56 3.58 -18.08 13.88
CA PHE A 56 3.21 -19.27 13.12
C PHE A 56 1.90 -19.06 12.34
N MET A 57 1.92 -19.41 11.06
CA MET A 57 0.76 -19.27 10.17
C MET A 57 0.83 -20.42 9.19
N TRP A 58 -0.33 -20.92 8.77
CA TRP A 58 -0.36 -22.01 7.79
C TRP A 58 -1.63 -21.95 6.95
N PRO A 59 -1.62 -22.58 5.77
CA PRO A 59 -2.82 -22.54 4.95
C PRO A 59 -4.00 -23.24 5.63
N ASP A 60 -5.22 -22.77 5.37
CA ASP A 60 -6.40 -23.43 5.89
C ASP A 60 -6.60 -24.82 5.28
N LYS A 61 -7.29 -25.68 6.04
CA LYS A 61 -7.66 -27.00 5.54
C LYS A 61 -8.55 -26.83 4.30
N PHE A 62 -9.43 -25.83 4.35
CA PHE A 62 -10.29 -25.49 3.22
C PHE A 62 -9.99 -24.06 2.77
N PRO A 63 -8.94 -23.88 1.95
CA PRO A 63 -8.48 -22.53 1.56
C PRO A 63 -9.64 -21.72 1.00
N HIS A 64 -9.76 -20.47 1.45
CA HIS A 64 -11.00 -19.74 1.18
C HIS A 64 -10.75 -18.33 0.69
N LEU A 65 -11.08 -18.09 -0.59
CA LEU A 65 -10.97 -16.77 -1.19
C LEU A 65 -12.08 -15.83 -0.70
N GLY A 66 -13.29 -16.36 -0.58
CA GLY A 66 -14.42 -15.55 -0.13
C GLY A 66 -15.00 -14.71 -1.24
N PRO A 67 -15.96 -13.83 -0.91
CA PRO A 67 -16.56 -12.88 -1.87
C PRO A 67 -15.50 -12.13 -2.69
N VAL A 68 -15.71 -12.00 -4.01
CA VAL A 68 -14.70 -11.36 -4.84
C VAL A 68 -14.88 -9.84 -4.95
N LEU A 69 -16.07 -9.34 -4.63
CA LEU A 69 -16.34 -7.89 -4.64
C LEU A 69 -17.26 -7.51 -3.48
N ASP A 70 -17.22 -6.26 -3.05
CA ASP A 70 -18.04 -5.77 -1.94
C ASP A 70 -19.54 -5.81 -2.32
N GLY A 71 -19.89 -5.20 -3.46
CA GLY A 71 -21.27 -5.19 -3.87
C GLY A 71 -21.82 -6.50 -4.42
N VAL A 72 -20.94 -7.34 -4.95
CA VAL A 72 -21.36 -8.52 -5.70
C VAL A 72 -20.42 -9.68 -5.37
N PRO A 73 -20.84 -10.58 -4.46
CA PRO A 73 -19.96 -11.62 -3.91
C PRO A 73 -19.41 -12.59 -4.96
N GLY A 74 -20.22 -12.95 -5.95
CA GLY A 74 -19.82 -13.96 -6.91
C GLY A 74 -19.93 -15.37 -6.33
N GLN A 75 -19.30 -16.34 -6.98
CA GLN A 75 -19.33 -17.72 -6.52
C GLN A 75 -18.45 -17.90 -5.28
N VAL A 76 -19.10 -18.25 -4.16
CA VAL A 76 -18.43 -18.45 -2.88
C VAL A 76 -18.64 -19.90 -2.41
N ASP A 77 -17.61 -20.53 -1.87
CA ASP A 77 -17.73 -21.89 -1.30
C ASP A 77 -18.19 -21.87 0.16
N GLU A 78 -18.48 -23.05 0.70
CA GLU A 78 -18.66 -23.21 2.14
C GLU A 78 -17.39 -22.83 2.87
N LYS A 79 -17.52 -22.38 4.11
CA LYS A 79 -16.36 -22.13 4.96
C LYS A 79 -16.65 -22.77 6.31
N PRO A 80 -16.34 -24.07 6.43
CA PRO A 80 -16.59 -24.83 7.66
C PRO A 80 -15.85 -24.22 8.85
N LYS A 81 -16.48 -24.26 10.02
CA LYS A 81 -15.74 -23.99 11.25
C LYS A 81 -14.77 -25.15 11.47
N VAL A 82 -13.55 -24.81 11.89
CA VAL A 82 -12.50 -25.82 11.98
C VAL A 82 -11.72 -25.68 13.27
N VAL A 83 -10.97 -26.72 13.60
CA VAL A 83 -10.12 -26.72 14.77
C VAL A 83 -8.73 -27.10 14.30
N TYR A 84 -7.72 -26.34 14.69
CA TYR A 84 -6.34 -26.72 14.37
C TYR A 84 -5.55 -26.95 15.66
N ARG A 85 -4.48 -27.75 15.55
CA ARG A 85 -3.53 -27.88 16.63
C ARG A 85 -2.11 -27.61 16.14
N ILE A 86 -1.21 -27.33 17.07
CA ILE A 86 0.19 -27.09 16.75
C ILE A 86 1.08 -27.66 17.85
N ARG A 87 2.26 -28.16 17.47
CA ARG A 87 3.27 -28.60 18.44
C ARG A 87 4.62 -28.09 17.96
N ILE A 88 5.43 -27.61 18.89
CA ILE A 88 6.68 -26.94 18.57
C ILE A 88 7.71 -27.41 19.59
N SER A 89 8.89 -27.82 19.16
CA SER A 89 9.88 -28.39 20.07
C SER A 89 11.27 -28.44 19.44
N GLN A 90 12.29 -28.38 20.27
CA GLN A 90 13.64 -28.61 19.78
C GLN A 90 13.90 -30.11 19.70
N ASP A 91 12.96 -30.88 20.26
CA ASP A 91 12.99 -32.34 20.19
C ASP A 91 12.15 -32.82 18.99
N LYS A 92 12.83 -33.37 17.98
CA LYS A 92 12.20 -33.80 16.73
C LYS A 92 11.08 -34.83 16.91
N ASN A 93 11.06 -35.51 18.05
CA ASN A 93 10.02 -36.51 18.32
C ASN A 93 8.93 -35.93 19.21
N PHE A 94 9.05 -34.64 19.52
CA PHE A 94 8.03 -33.92 20.27
C PHE A 94 7.68 -34.56 21.60
N ARG A 95 8.71 -34.99 22.33
CA ARG A 95 8.52 -35.57 23.66
C ARG A 95 8.93 -34.58 24.74
N LYS A 96 10.06 -33.90 24.53
CA LYS A 96 10.62 -33.02 25.55
C LYS A 96 10.41 -31.53 25.30
N ASP A 97 9.89 -30.83 26.31
CA ASP A 97 9.74 -29.38 26.28
C ASP A 97 8.99 -28.92 25.02
N VAL A 98 7.76 -29.40 24.89
CA VAL A 98 6.94 -29.12 23.72
C VAL A 98 5.92 -28.01 24.00
N LEU A 99 5.90 -27.01 23.13
CA LEU A 99 4.85 -26.00 23.15
C LEU A 99 3.70 -26.51 22.28
N THR A 100 2.50 -26.50 22.85
CA THR A 100 1.31 -26.95 22.14
C THR A 100 0.22 -25.88 22.19
N GLY A 101 -0.63 -25.88 21.17
CA GLY A 101 -1.76 -24.97 21.15
C GLY A 101 -2.90 -25.56 20.36
N GLU A 102 -4.09 -25.05 20.60
CA GLU A 102 -5.25 -25.41 19.80
C GLU A 102 -5.99 -24.11 19.47
N ARG A 103 -6.42 -23.96 18.22
CA ARG A 103 -7.05 -22.72 17.76
C ARG A 103 -8.20 -23.02 16.79
N ALA A 104 -9.14 -22.09 16.67
CA ALA A 104 -10.20 -22.18 15.67
C ALA A 104 -9.72 -21.54 14.36
N TRP A 105 -8.45 -21.14 14.32
CA TRP A 105 -7.92 -20.44 13.15
C TRP A 105 -6.44 -20.76 12.93
N ALA A 106 -5.99 -20.61 11.69
CA ALA A 106 -4.65 -21.06 11.28
C ALA A 106 -3.51 -20.08 11.59
N PHE A 107 -3.43 -19.63 12.84
CA PHE A 107 -2.28 -18.87 13.28
C PHE A 107 -2.08 -19.01 14.78
N PHE A 108 -0.82 -18.96 15.22
CA PHE A 108 -0.50 -19.23 16.62
C PHE A 108 0.68 -18.38 17.09
N ASN A 109 0.54 -17.78 18.27
CA ASN A 109 1.60 -17.00 18.89
C ASN A 109 1.97 -17.64 20.23
N PRO A 110 3.26 -17.96 20.42
CA PRO A 110 3.71 -18.67 21.62
C PRO A 110 3.70 -17.79 22.87
N PHE A 111 3.84 -16.48 22.68
CA PHE A 111 3.93 -15.52 23.77
C PHE A 111 5.08 -15.79 24.72
N GLN A 112 6.18 -16.27 24.16
CA GLN A 112 7.44 -16.37 24.89
C GLN A 112 8.59 -16.40 23.91
N CYS A 113 9.74 -15.86 24.30
CA CYS A 113 10.92 -15.96 23.44
C CYS A 113 11.47 -17.38 23.53
N LEU A 114 11.75 -17.96 22.37
CA LEU A 114 12.25 -19.33 22.30
C LEU A 114 13.77 -19.34 22.40
N ALA A 115 14.30 -20.43 22.96
CA ALA A 115 15.75 -20.60 23.09
C ALA A 115 16.43 -20.69 21.73
N GLN A 116 17.72 -20.41 21.69
CA GLN A 116 18.48 -20.50 20.45
C GLN A 116 18.64 -21.92 19.93
N GLY A 117 18.89 -22.03 18.63
CA GLY A 117 19.14 -23.32 18.01
C GLY A 117 18.09 -23.73 17.02
N LYS A 118 18.02 -25.03 16.77
CA LYS A 118 17.16 -25.59 15.74
C LYS A 118 15.83 -26.00 16.36
N TRP A 119 14.74 -25.69 15.65
CA TRP A 119 13.40 -26.04 16.14
C TRP A 119 12.60 -26.85 15.13
N TYR A 120 11.67 -27.66 15.62
CA TYR A 120 10.79 -28.45 14.79
C TYR A 120 9.35 -28.11 15.14
N TRP A 121 8.47 -28.11 14.14
CA TRP A 121 7.05 -27.90 14.41
C TRP A 121 6.16 -28.52 13.34
N GLN A 122 4.89 -28.70 13.69
CA GLN A 122 3.90 -29.11 12.71
C GLN A 122 2.53 -28.65 13.20
N HIS A 123 1.61 -28.47 12.26
CA HIS A 123 0.24 -28.11 12.61
C HIS A 123 -0.68 -29.22 12.16
N ALA A 124 -1.84 -29.30 12.80
CA ALA A 124 -2.82 -30.32 12.46
C ALA A 124 -4.17 -29.70 12.21
N TYR A 125 -4.94 -30.33 11.31
CA TYR A 125 -6.37 -30.10 11.20
C TYR A 125 -7.04 -31.23 11.95
N VAL A 126 -8.02 -30.87 12.79
CA VAL A 126 -8.77 -31.86 13.55
C VAL A 126 -10.14 -32.04 12.90
N THR A 127 -10.40 -33.24 12.38
CA THR A 127 -11.69 -33.51 11.73
C THR A 127 -12.86 -33.41 12.72
N PRO A 128 -14.09 -33.22 12.21
CA PRO A 128 -15.25 -33.19 13.11
C PRO A 128 -15.37 -34.48 13.93
N GLU A 129 -14.77 -35.57 13.45
CA GLU A 129 -14.77 -36.85 14.17
C GLU A 129 -13.66 -36.97 15.21
N GLY A 130 -12.74 -36.00 15.24
CA GLY A 130 -11.70 -35.97 16.25
C GLY A 130 -10.36 -36.50 15.79
N THR A 131 -10.27 -36.79 14.49
CA THR A 131 -9.04 -37.31 13.88
C THR A 131 -8.07 -36.18 13.57
N GLU A 132 -6.78 -36.40 13.83
CA GLU A 132 -5.77 -35.41 13.49
C GLU A 132 -5.10 -35.67 12.14
N GLU A 133 -5.04 -34.64 11.30
CA GLU A 133 -4.26 -34.67 10.06
C GLU A 133 -3.03 -33.78 10.23
N TRP A 134 -1.88 -34.38 10.51
CA TRP A 134 -0.66 -33.63 10.79
C TRP A 134 0.11 -33.22 9.54
N SER A 135 0.61 -31.99 9.55
CA SER A 135 1.46 -31.51 8.49
C SER A 135 2.82 -32.21 8.57
N PRO A 136 3.62 -32.10 7.50
CA PRO A 136 5.02 -32.52 7.61
C PRO A 136 5.71 -31.76 8.75
N VAL A 137 6.79 -32.32 9.29
CA VAL A 137 7.52 -31.63 10.34
C VAL A 137 8.40 -30.56 9.71
N TYR A 138 8.21 -29.30 10.08
CA TYR A 138 8.98 -28.21 9.51
C TYR A 138 10.06 -27.78 10.49
N GLN A 139 11.10 -27.08 10.00
CA GLN A 139 12.21 -26.66 10.85
C GLN A 139 12.48 -25.17 10.72
N PHE A 140 12.95 -24.56 11.82
CA PHE A 140 13.43 -23.18 11.78
C PHE A 140 14.56 -23.00 12.77
N TYR A 141 15.30 -21.90 12.63
CA TYR A 141 16.43 -21.63 13.51
C TYR A 141 16.30 -20.29 14.21
N ILE A 142 16.80 -20.24 15.44
CA ILE A 142 16.92 -19.00 16.18
C ILE A 142 18.38 -18.73 16.48
N ASP A 143 18.82 -17.52 16.16
CA ASP A 143 20.19 -17.08 16.33
C ASP A 143 20.37 -16.27 17.60
N LYS A 144 21.61 -16.03 18.00
CA LYS A 144 21.87 -15.10 19.09
C LYS A 144 21.56 -13.67 18.64
N ASP A 145 21.46 -13.49 17.33
CA ASP A 145 21.19 -12.18 16.74
C ASP A 145 19.70 -11.96 16.43
N THR A 146 18.89 -13.01 16.59
CA THR A 146 17.46 -12.91 16.26
C THR A 146 16.78 -11.86 17.12
N PRO A 147 16.14 -10.88 16.49
CA PRO A 147 15.45 -9.81 17.22
C PRO A 147 14.32 -10.38 18.09
N GLU A 148 14.06 -9.74 19.22
CA GLU A 148 12.99 -10.15 20.12
C GLU A 148 11.87 -9.12 20.10
N PHE A 149 10.65 -9.59 19.83
CA PHE A 149 9.48 -8.72 19.87
C PHE A 149 8.32 -9.55 20.43
N ASN A 150 8.12 -9.44 21.74
CA ASN A 150 7.38 -10.42 22.52
C ASN A 150 6.26 -9.75 23.32
N PRO A 151 5.14 -9.42 22.65
CA PRO A 151 4.05 -8.78 23.40
C PRO A 151 3.41 -9.76 24.37
N PRO A 152 2.71 -9.25 25.40
CA PRO A 152 2.19 -10.12 26.46
C PRO A 152 0.94 -10.89 26.05
N THR A 153 0.67 -12.00 26.74
CA THR A 153 -0.52 -12.82 26.50
C THR A 153 -1.78 -11.98 26.64
N LEU A 154 -2.84 -12.37 25.94
CA LEU A 154 -4.14 -11.71 26.12
C LEU A 154 -4.68 -11.88 27.55
N GLU A 155 -4.33 -12.99 28.20
CA GLU A 155 -4.74 -13.23 29.59
C GLU A 155 -4.21 -12.15 30.54
N LYS A 156 -2.93 -11.82 30.38
CA LYS A 156 -2.32 -10.72 31.14
C LYS A 156 -3.05 -9.39 30.90
N VAL A 157 -3.30 -9.08 29.62
CA VAL A 157 -3.99 -7.84 29.26
C VAL A 157 -5.39 -7.75 29.89
N LEU A 158 -6.20 -8.79 29.70
CA LEU A 158 -7.56 -8.79 30.24
C LEU A 158 -7.59 -8.80 31.78
N ALA A 159 -6.64 -9.49 32.41
CA ALA A 159 -6.55 -9.49 33.88
C ALA A 159 -6.50 -8.08 34.48
N ARG A 160 -5.73 -7.19 33.87
CA ARG A 160 -5.64 -5.82 34.36
C ARG A 160 -6.62 -4.84 33.68
N TYR A 161 -7.43 -5.31 32.75
CA TYR A 161 -8.34 -4.43 32.00
C TYR A 161 -9.52 -4.02 32.87
N PRO A 162 -9.76 -2.71 33.02
CA PRO A 162 -10.82 -2.26 33.92
C PRO A 162 -12.21 -2.58 33.41
N SER A 163 -13.15 -2.73 34.33
CA SER A 163 -14.54 -3.00 33.95
C SER A 163 -15.34 -1.70 33.77
N HIS A 164 -14.77 -0.57 34.22
CA HIS A 164 -15.48 0.71 34.12
C HIS A 164 -15.58 1.23 32.68
N HIS A 165 -16.50 2.16 32.44
CA HIS A 165 -16.53 2.88 31.16
C HIS A 165 -16.43 4.37 31.44
N PRO A 166 -15.81 5.13 30.52
CA PRO A 166 -15.22 4.67 29.26
C PRO A 166 -13.92 3.90 29.51
N ARG A 167 -13.60 2.99 28.60
CA ARG A 167 -12.34 2.26 28.71
C ARG A 167 -11.65 2.12 27.34
N VAL A 168 -12.35 2.50 26.27
CA VAL A 168 -11.79 2.41 24.93
C VAL A 168 -11.44 3.76 24.29
N LEU A 169 -12.41 4.67 24.22
CA LEU A 169 -12.15 5.97 23.61
C LEU A 169 -11.17 6.75 24.50
N LEU A 170 -11.23 6.46 25.80
CA LEU A 170 -10.25 6.89 26.78
C LEU A 170 -10.47 6.07 28.02
N ASP A 171 -9.60 6.20 29.02
CA ASP A 171 -9.84 5.52 30.29
C ASP A 171 -10.45 6.44 31.32
N ALA A 172 -11.43 5.92 32.05
CA ALA A 172 -12.14 6.68 33.07
C ALA A 172 -11.18 7.34 34.06
N ASP A 173 -10.10 6.64 34.41
CA ASP A 173 -9.15 7.18 35.39
C ASP A 173 -8.44 8.42 34.84
N ASP A 174 -8.34 8.51 33.52
CA ASP A 174 -7.64 9.61 32.85
C ASP A 174 -8.59 10.70 32.36
N TRP A 175 -9.89 10.48 32.54
CA TRP A 175 -10.92 11.33 31.94
C TRP A 175 -10.83 12.79 32.38
N GLU A 176 -10.73 13.02 33.68
CA GLU A 176 -10.71 14.41 34.17
C GLU A 176 -9.47 15.15 33.70
N ASN A 177 -8.35 14.44 33.63
CA ASN A 177 -7.12 15.06 33.12
C ASN A 177 -7.20 15.42 31.64
N ILE A 178 -7.80 14.54 30.85
CA ILE A 178 -7.96 14.78 29.42
C ILE A 178 -8.87 15.99 29.22
N ILE A 179 -9.90 16.10 30.03
CA ILE A 179 -10.78 17.27 29.97
C ILE A 179 -10.00 18.56 30.25
N ALA A 180 -9.23 18.57 31.32
CA ALA A 180 -8.47 19.77 31.71
C ALA A 180 -7.45 20.18 30.65
N LYS A 181 -6.73 19.21 30.11
CA LYS A 181 -5.69 19.50 29.12
C LYS A 181 -6.28 20.05 27.82
N ASN A 182 -7.49 19.63 27.47
CA ASN A 182 -8.12 20.11 26.24
C ASN A 182 -8.95 21.38 26.37
N ASN A 183 -9.10 21.87 27.60
CA ASN A 183 -9.79 23.14 27.81
C ASN A 183 -9.11 24.25 27.03
N ASN A 184 -7.79 24.15 26.91
CA ASN A 184 -7.02 25.13 26.15
C ASN A 184 -6.39 24.56 24.87
N ASN A 185 -7.09 23.60 24.25
CA ASN A 185 -6.68 23.03 22.97
C ASN A 185 -7.64 23.46 21.87
N PRO A 186 -7.16 24.32 20.96
CA PRO A 186 -8.05 24.82 19.91
C PRO A 186 -8.56 23.70 19.01
N GLU A 187 -7.80 22.62 18.89
CA GLU A 187 -8.27 21.48 18.09
C GLU A 187 -9.47 20.79 18.72
N ALA A 188 -9.56 20.84 20.05
CA ALA A 188 -10.68 20.23 20.74
C ALA A 188 -12.00 20.98 20.48
N ARG A 189 -11.92 22.30 20.29
CA ARG A 189 -13.10 23.12 20.09
C ARG A 189 -13.96 22.67 18.92
N THR A 190 -13.32 22.07 17.91
CA THR A 190 -14.03 21.71 16.68
C THR A 190 -15.12 20.67 16.89
N TYR A 191 -14.94 19.78 17.86
CA TYR A 191 -15.97 18.79 18.17
C TYR A 191 -17.24 19.48 18.67
N MET A 192 -17.08 20.39 19.63
CA MET A 192 -18.24 21.10 20.20
C MET A 192 -18.93 21.96 19.14
N ASP A 193 -18.14 22.65 18.33
CA ASP A 193 -18.69 23.43 17.21
C ASP A 193 -19.53 22.58 16.26
N LYS A 194 -18.95 21.46 15.79
CA LYS A 194 -19.65 20.56 14.87
C LYS A 194 -20.85 19.89 15.54
N ALA A 195 -20.67 19.41 16.76
CA ALA A 195 -21.76 18.74 17.46
C ALA A 195 -22.89 19.70 17.75
N SER A 196 -22.55 20.94 18.10
CA SER A 196 -23.59 21.89 18.47
C SER A 196 -24.51 22.21 17.29
N GLN A 197 -23.99 22.13 16.07
CA GLN A 197 -24.81 22.39 14.89
C GLN A 197 -25.91 21.35 14.72
N CYS A 198 -25.71 20.16 15.31
CA CYS A 198 -26.63 19.03 15.14
C CYS A 198 -27.85 19.11 16.03
N ILE A 199 -27.71 19.84 17.14
CA ILE A 199 -28.71 19.83 18.19
C ILE A 199 -30.05 20.38 17.72
N SER A 200 -31.11 19.62 18.00
CA SER A 200 -32.47 19.93 17.55
C SER A 200 -32.57 20.17 16.04
N ARG A 201 -31.64 19.58 15.29
CA ARG A 201 -31.61 19.70 13.84
C ARG A 201 -31.83 18.32 13.21
N PRO A 202 -33.10 17.91 13.08
CA PRO A 202 -33.54 16.56 12.67
C PRO A 202 -32.78 15.97 11.48
N LEU A 203 -32.43 14.70 11.61
CA LEU A 203 -31.89 13.93 10.50
C LEU A 203 -33.04 13.13 9.90
N LYS A 204 -33.26 13.29 8.61
CA LYS A 204 -34.31 12.53 7.92
C LYS A 204 -33.87 11.09 7.66
N HIS A 205 -34.78 10.28 7.14
CA HIS A 205 -34.49 8.88 6.89
C HIS A 205 -33.63 8.69 5.64
N LEU A 206 -32.95 7.55 5.53
CA LEU A 206 -32.05 7.29 4.41
C LEU A 206 -32.68 7.57 3.03
N GLN A 207 -33.89 7.06 2.81
CA GLN A 207 -34.54 7.20 1.51
C GLN A 207 -34.79 8.65 1.10
N GLU A 208 -34.81 9.55 2.08
CA GLU A 208 -35.01 10.97 1.80
C GLU A 208 -33.68 11.70 1.59
N GLU A 209 -32.61 11.16 2.15
CA GLU A 209 -31.29 11.82 2.11
C GLU A 209 -30.46 11.33 0.94
N ILE A 210 -30.63 10.05 0.58
CA ILE A 210 -29.81 9.45 -0.47
C ILE A 210 -30.18 9.98 -1.86
N ASP A 211 -29.21 9.96 -2.76
CA ASP A 211 -29.44 10.31 -4.16
C ASP A 211 -29.27 9.04 -4.97
N THR A 212 -30.38 8.52 -5.51
CA THR A 212 -30.30 7.33 -6.36
C THR A 212 -30.51 7.65 -7.84
N THR A 213 -30.45 8.92 -8.21
CA THR A 213 -30.74 9.31 -9.60
C THR A 213 -29.68 8.80 -10.60
N ASN A 214 -28.45 8.56 -10.14
CA ASN A 214 -27.44 7.96 -11.02
C ASN A 214 -27.52 6.43 -11.02
N VAL A 215 -27.70 5.87 -9.83
CA VAL A 215 -27.77 4.41 -9.62
C VAL A 215 -28.76 3.73 -10.58
N VAL A 216 -29.96 4.30 -10.71
CA VAL A 216 -31.01 3.66 -11.48
C VAL A 216 -30.78 3.68 -12.99
N THR A 217 -29.83 4.50 -13.44
CA THR A 217 -29.50 4.56 -14.87
C THR A 217 -28.55 3.44 -15.26
N LEU A 218 -27.99 2.76 -14.26
CA LEU A 218 -26.92 1.79 -14.52
C LEU A 218 -27.47 0.37 -14.67
N THR A 219 -27.11 -0.31 -15.75
CA THR A 219 -27.66 -1.65 -16.02
C THR A 219 -26.68 -2.79 -15.69
N ASN A 220 -25.38 -2.46 -15.64
CA ASN A 220 -24.37 -3.43 -15.25
C ASN A 220 -24.42 -3.59 -13.72
N ILE A 221 -24.61 -4.81 -13.22
CA ILE A 221 -24.86 -4.96 -11.77
C ILE A 221 -23.65 -4.58 -10.88
N VAL A 222 -22.43 -4.83 -11.35
CA VAL A 222 -21.24 -4.40 -10.60
C VAL A 222 -21.20 -2.88 -10.48
N GLN A 223 -21.41 -2.18 -11.58
CA GLN A 223 -21.49 -0.72 -11.54
C GLN A 223 -22.66 -0.19 -10.71
N ARG A 224 -23.84 -0.78 -10.90
CA ARG A 224 -25.04 -0.31 -10.20
C ARG A 224 -24.91 -0.45 -8.69
N GLU A 225 -24.44 -1.62 -8.27
CA GLU A 225 -24.27 -1.90 -6.85
C GLU A 225 -23.15 -1.04 -6.29
N SER A 226 -22.07 -0.89 -7.05
CA SER A 226 -20.97 -0.01 -6.66
C SER A 226 -21.41 1.44 -6.44
N ALA A 227 -22.29 1.92 -7.31
CA ALA A 227 -22.81 3.29 -7.20
C ALA A 227 -23.74 3.39 -5.99
N LEU A 228 -24.55 2.38 -5.76
CA LEU A 228 -25.41 2.37 -4.55
C LEU A 228 -24.55 2.44 -3.29
N ILE A 229 -23.46 1.66 -3.24
CA ILE A 229 -22.51 1.73 -2.13
C ILE A 229 -22.04 3.16 -1.92
N ARG A 230 -21.56 3.78 -3.00
CA ARG A 230 -21.04 5.15 -2.96
C ARG A 230 -22.08 6.16 -2.48
N GLU A 231 -23.30 6.08 -3.01
CA GLU A 231 -24.33 7.04 -2.65
C GLU A 231 -24.80 6.90 -1.20
N SER A 232 -24.93 5.67 -0.73
CA SER A 232 -25.35 5.43 0.64
C SER A 232 -24.24 5.80 1.62
N ARG A 233 -23.00 5.49 1.27
CA ARG A 233 -21.86 5.84 2.12
C ARG A 233 -21.73 7.36 2.26
N LYS A 234 -22.06 8.13 1.22
CA LYS A 234 -22.02 9.59 1.31
C LYS A 234 -22.82 10.08 2.53
N ILE A 235 -24.01 9.50 2.70
CA ILE A 235 -24.90 9.90 3.79
C ILE A 235 -24.44 9.31 5.12
N VAL A 236 -24.14 8.02 5.12
CA VAL A 236 -23.69 7.36 6.34
C VAL A 236 -22.42 8.03 6.88
N ASP A 237 -21.47 8.33 6.00
CA ASP A 237 -20.20 8.92 6.44
C ASP A 237 -20.35 10.34 6.95
N ARG A 238 -21.25 11.09 6.33
CA ARG A 238 -21.56 12.45 6.76
C ARG A 238 -22.11 12.42 8.18
N GLU A 239 -23.01 11.48 8.41
CA GLU A 239 -23.63 11.40 9.74
C GLU A 239 -22.73 10.78 10.79
N GLU A 240 -21.85 9.86 10.38
CA GLU A 240 -20.85 9.30 11.31
C GLU A 240 -19.99 10.42 11.88
N ALA A 241 -19.63 11.40 11.04
CA ALA A 241 -18.77 12.47 11.54
C ALA A 241 -19.53 13.28 12.60
N ASN A 242 -20.82 13.47 12.37
CA ASN A 242 -21.67 14.11 13.37
C ASN A 242 -21.75 13.32 14.67
N VAL A 243 -22.07 12.03 14.57
CA VAL A 243 -22.15 11.17 15.76
C VAL A 243 -20.82 11.11 16.52
N GLU A 244 -19.71 10.97 15.81
CA GLU A 244 -18.43 10.89 16.51
C GLU A 244 -18.05 12.23 17.16
N ALA A 245 -18.43 13.34 16.53
CA ALA A 245 -18.19 14.66 17.14
C ALA A 245 -19.05 14.81 18.40
N LEU A 246 -20.28 14.30 18.34
CA LEU A 246 -21.16 14.37 19.50
C LEU A 246 -20.63 13.57 20.70
N VAL A 247 -20.12 12.37 20.44
CA VAL A 247 -19.54 11.54 21.50
C VAL A 247 -18.32 12.23 22.13
N ARG A 248 -17.44 12.72 21.28
CA ARG A 248 -16.22 13.36 21.79
C ARG A 248 -16.47 14.71 22.43
N ALA A 249 -17.45 15.45 21.92
CA ALA A 249 -17.86 16.69 22.59
C ALA A 249 -18.37 16.39 23.98
N TYR A 250 -19.12 15.30 24.13
CA TYR A 250 -19.55 14.90 25.45
C TYR A 250 -18.38 14.53 26.35
N LEU A 251 -17.41 13.78 25.82
CA LEU A 251 -16.24 13.39 26.60
C LEU A 251 -15.42 14.59 27.06
N LEU A 252 -15.40 15.63 26.25
CA LEU A 252 -14.57 16.81 26.55
C LEU A 252 -15.25 17.86 27.43
N THR A 253 -16.58 17.78 27.56
CA THR A 253 -17.32 18.81 28.31
C THR A 253 -18.19 18.23 29.41
N LYS A 254 -18.61 16.98 29.25
CA LYS A 254 -19.64 16.34 30.08
C LYS A 254 -21.01 17.04 29.99
N ASP A 255 -21.21 17.85 28.97
CA ASP A 255 -22.52 18.46 28.74
C ASP A 255 -23.42 17.42 28.07
N GLU A 256 -24.50 17.02 28.76
CA GLU A 256 -25.34 15.91 28.27
C GLU A 256 -26.19 16.23 27.04
N LYS A 257 -26.20 17.48 26.60
CA LYS A 257 -26.89 17.80 25.35
C LYS A 257 -26.25 17.05 24.20
N TYR A 258 -24.95 16.77 24.32
CA TYR A 258 -24.25 15.99 23.30
C TYR A 258 -24.61 14.52 23.37
N TYR A 259 -24.88 14.02 24.58
CA TYR A 259 -25.38 12.66 24.74
C TYR A 259 -26.78 12.53 24.14
N ARG A 260 -27.65 13.47 24.46
CA ARG A 260 -29.04 13.36 24.02
C ARG A 260 -29.13 13.35 22.49
N GLU A 261 -28.41 14.26 21.84
CA GLU A 261 -28.45 14.33 20.39
C GLU A 261 -27.68 13.16 19.76
N GLY A 262 -26.60 12.75 20.42
CA GLY A 262 -25.83 11.60 19.96
C GLY A 262 -26.68 10.35 19.88
N ILE A 263 -27.45 10.08 20.94
CA ILE A 263 -28.35 8.93 20.95
C ILE A 263 -29.48 9.13 19.93
N ASN A 264 -30.03 10.33 19.88
CA ASN A 264 -31.06 10.67 18.88
C ASN A 264 -30.58 10.36 17.45
N ARG A 265 -29.45 10.94 17.09
CA ARG A 265 -28.93 10.79 15.74
C ARG A 265 -28.52 9.35 15.43
N LEU A 266 -27.81 8.71 16.36
CA LEU A 266 -27.39 7.33 16.14
C LEU A 266 -28.58 6.38 16.01
N SER A 267 -29.61 6.57 16.84
CA SER A 267 -30.82 5.75 16.72
C SER A 267 -31.43 5.83 15.33
N GLU A 268 -31.42 7.03 14.74
CA GLU A 268 -31.97 7.18 13.41
C GLU A 268 -31.13 6.44 12.38
N ILE A 269 -29.81 6.57 12.47
CA ILE A 269 -28.93 5.88 11.52
C ILE A 269 -29.10 4.36 11.63
N LEU A 270 -29.14 3.85 12.86
CA LEU A 270 -29.27 2.41 13.06
C LEU A 270 -30.56 1.89 12.43
N SER A 271 -31.61 2.71 12.42
CA SER A 271 -32.88 2.33 11.82
C SER A 271 -32.79 2.14 10.30
N TRP A 272 -31.71 2.64 9.69
CA TRP A 272 -31.49 2.48 8.24
C TRP A 272 -30.99 1.08 7.86
N GLN A 273 -30.59 0.31 8.87
CA GLN A 273 -29.96 -1.00 8.72
C GLN A 273 -30.54 -1.91 7.65
N LYS A 274 -31.85 -2.02 7.65
CA LYS A 274 -32.51 -3.01 6.80
C LYS A 274 -32.98 -2.43 5.47
N SER A 275 -32.63 -1.17 5.22
CA SER A 275 -32.99 -0.51 3.96
C SER A 275 -32.33 -1.20 2.77
N LYS A 276 -33.06 -1.28 1.66
CA LYS A 276 -32.50 -1.81 0.43
C LYS A 276 -31.39 -0.88 -0.06
N TYR A 277 -31.33 0.32 0.49
CA TYR A 277 -30.30 1.28 0.13
C TYR A 277 -29.05 1.16 1.00
N PHE A 278 -29.13 0.40 2.09
CA PHE A 278 -28.01 0.34 3.04
C PHE A 278 -27.00 -0.70 2.58
N ALA A 279 -26.11 -0.29 1.68
CA ALA A 279 -25.29 -1.25 0.96
C ALA A 279 -23.81 -1.23 1.31
N GLY A 280 -23.18 -2.41 1.24
CA GLY A 280 -21.74 -2.54 1.38
C GLY A 280 -21.28 -2.72 2.81
N ASP A 281 -20.06 -3.24 2.98
CA ASP A 281 -19.60 -3.57 4.33
C ASP A 281 -19.11 -2.36 5.14
N PHE A 282 -18.61 -1.30 4.48
CA PHE A 282 -18.18 -0.14 5.25
C PHE A 282 -19.37 0.47 6.03
N ASN A 283 -20.53 0.57 5.39
CA ASN A 283 -21.72 1.09 6.05
C ASN A 283 -22.10 0.27 7.27
N LEU A 284 -22.09 -1.05 7.12
CA LEU A 284 -22.38 -1.92 8.25
C LEU A 284 -21.33 -1.76 9.35
N SER A 285 -20.06 -1.67 8.96
CA SER A 285 -18.99 -1.51 9.96
C SER A 285 -19.14 -0.16 10.66
N THR A 286 -19.68 0.82 9.93
CA THR A 286 -19.84 2.15 10.50
C THR A 286 -20.86 2.13 11.64
N LEU A 287 -21.93 1.34 11.48
CA LEU A 287 -22.90 1.17 12.56
C LEU A 287 -22.24 0.56 13.81
N LEU A 288 -21.35 -0.40 13.60
CA LEU A 288 -20.68 -1.06 14.71
C LEU A 288 -19.78 -0.07 15.43
N SER A 289 -19.08 0.74 14.65
CA SER A 289 -18.13 1.71 15.18
C SER A 289 -18.81 2.79 16.02
N MET A 290 -19.88 3.38 15.48
CA MET A 290 -20.64 4.41 16.19
C MET A 290 -21.31 3.84 17.43
N SER A 291 -21.77 2.60 17.32
CA SER A 291 -22.38 1.94 18.47
C SER A 291 -21.35 1.74 19.56
N THR A 292 -20.12 1.41 19.16
CA THR A 292 -19.03 1.26 20.12
C THR A 292 -18.74 2.59 20.82
N SER A 293 -18.64 3.68 20.05
CA SER A 293 -18.32 5.00 20.61
C SER A 293 -19.38 5.47 21.59
N ALA A 294 -20.64 5.30 21.21
CA ALA A 294 -21.76 5.76 22.04
C ALA A 294 -21.89 4.87 23.28
N TYR A 295 -21.67 3.58 23.13
CA TYR A 295 -21.78 2.67 24.26
C TYR A 295 -20.68 2.93 25.31
N ASP A 296 -19.43 3.03 24.84
CA ASP A 296 -18.30 3.23 25.74
C ASP A 296 -18.33 4.65 26.32
N GLY A 297 -18.67 5.62 25.47
CA GLY A 297 -18.66 7.02 25.87
C GLY A 297 -19.85 7.47 26.69
N PHE A 298 -21.05 6.97 26.36
CA PHE A 298 -22.27 7.37 27.08
C PHE A 298 -22.71 6.33 28.09
N TYR A 299 -21.88 5.32 28.33
CA TYR A 299 -22.27 4.15 29.12
C TYR A 299 -23.04 4.45 30.40
N ASN A 300 -22.51 5.35 31.21
CA ASN A 300 -23.08 5.60 32.53
C ASN A 300 -24.38 6.43 32.49
N LEU A 301 -24.77 6.85 31.29
CA LEU A 301 -25.98 7.66 31.09
C LEU A 301 -27.13 6.86 30.46
N LEU A 302 -26.80 5.70 29.92
CA LEU A 302 -27.73 4.94 29.08
C LEU A 302 -28.93 4.44 29.86
N SER A 303 -30.14 4.63 29.31
CA SER A 303 -31.33 3.98 29.86
C SER A 303 -31.26 2.49 29.49
N PRO A 304 -32.10 1.65 30.13
CA PRO A 304 -32.03 0.22 29.80
C PRO A 304 -32.32 -0.04 28.32
N GLU A 305 -33.25 0.72 27.72
CA GLU A 305 -33.57 0.53 26.30
C GLU A 305 -32.43 0.98 25.38
N GLU A 306 -31.76 2.07 25.75
CA GLU A 306 -30.64 2.59 24.97
C GLU A 306 -29.48 1.62 25.01
N LYS A 307 -29.22 1.07 26.19
CA LYS A 307 -28.13 0.12 26.33
C LYS A 307 -28.40 -1.17 25.54
N GLN A 308 -29.64 -1.65 25.57
CA GLN A 308 -29.99 -2.87 24.84
C GLN A 308 -29.87 -2.65 23.32
N LEU A 309 -30.27 -1.47 22.86
CA LEU A 309 -30.15 -1.11 21.44
C LEU A 309 -28.70 -1.19 20.98
N LEU A 310 -27.80 -0.56 21.75
CA LEU A 310 -26.40 -0.52 21.37
C LEU A 310 -25.78 -1.90 21.45
N LEU A 311 -26.07 -2.62 22.54
CA LEU A 311 -25.53 -3.98 22.68
C LEU A 311 -26.09 -4.96 21.66
N ASP A 312 -27.37 -4.80 21.27
CA ASP A 312 -27.94 -5.70 20.27
C ASP A 312 -27.19 -5.55 18.96
N ASN A 313 -26.86 -4.31 18.64
CA ASN A 313 -26.16 -4.03 17.39
C ASN A 313 -24.67 -4.41 17.41
N ILE A 314 -24.02 -4.21 18.55
CA ILE A 314 -22.64 -4.69 18.71
C ILE A 314 -22.61 -6.20 18.50
N ARG A 315 -23.49 -6.92 19.18
CA ARG A 315 -23.54 -8.37 19.08
C ARG A 315 -23.81 -8.81 17.63
N LYS A 316 -24.85 -8.24 17.03
CA LYS A 316 -25.24 -8.59 15.66
C LYS A 316 -24.12 -8.32 14.65
N ILE A 317 -23.59 -7.09 14.64
CA ILE A 317 -22.60 -6.71 13.63
C ILE A 317 -21.22 -7.28 13.92
N GLY A 318 -20.81 -7.28 15.18
CA GLY A 318 -19.52 -7.88 15.53
C GLY A 318 -19.44 -9.35 15.16
N ASP A 319 -20.52 -10.07 15.37
CA ASP A 319 -20.59 -11.49 15.04
C ASP A 319 -20.50 -11.68 13.53
N LYS A 320 -21.19 -10.82 12.78
CA LYS A 320 -21.14 -10.89 11.32
C LYS A 320 -19.72 -10.69 10.79
N PHE A 321 -19.01 -9.70 11.29
CA PHE A 321 -17.64 -9.48 10.83
C PHE A 321 -16.68 -10.56 11.29
N TYR A 322 -16.77 -10.99 12.55
CA TYR A 322 -15.92 -12.10 13.00
C TYR A 322 -16.13 -13.32 12.10
N ASN A 323 -17.38 -13.63 11.79
CA ASN A 323 -17.65 -14.80 10.95
C ASN A 323 -17.12 -14.66 9.52
N GLU A 324 -17.01 -13.41 9.04
CA GLU A 324 -16.39 -13.15 7.74
C GLU A 324 -14.89 -13.31 7.80
N TYR A 325 -14.27 -12.81 8.88
CA TYR A 325 -12.80 -12.86 8.99
C TYR A 325 -12.26 -14.27 9.17
N VAL A 326 -12.86 -15.02 10.09
CA VAL A 326 -12.25 -16.27 10.55
C VAL A 326 -12.10 -17.27 9.39
N ASN A 327 -10.95 -17.95 9.35
CA ASN A 327 -10.62 -18.87 8.28
C ASN A 327 -10.65 -18.19 6.89
N HIS A 328 -10.31 -16.92 6.85
CA HIS A 328 -10.37 -16.16 5.60
C HIS A 328 -9.38 -15.00 5.61
N LEU A 329 -9.67 -13.98 6.41
CA LEU A 329 -8.80 -12.80 6.55
C LEU A 329 -7.33 -13.14 6.75
N GLU A 330 -7.05 -14.03 7.70
CA GLU A 330 -5.68 -14.27 8.12
C GLU A 330 -4.82 -14.83 6.99
N ASN A 331 -5.47 -15.39 5.98
CA ASN A 331 -4.75 -16.05 4.91
C ASN A 331 -4.94 -15.38 3.54
N ARG A 332 -5.64 -14.26 3.52
CA ARG A 332 -5.72 -13.45 2.30
C ARG A 332 -4.41 -12.67 2.15
N ILE A 333 -3.97 -12.41 0.93
CA ILE A 333 -2.72 -11.65 0.75
C ILE A 333 -2.84 -10.31 1.49
N ALA A 334 -4.00 -9.69 1.34
CA ALA A 334 -4.43 -8.53 2.13
C ALA A 334 -5.91 -8.39 1.81
N ASP A 335 -6.72 -8.07 2.82
CA ASP A 335 -8.17 -7.95 2.62
C ASP A 335 -8.48 -6.48 2.85
N ASN A 336 -8.63 -5.72 1.75
CA ASN A 336 -8.60 -4.26 1.79
C ASN A 336 -9.49 -3.57 2.80
N HIS A 337 -10.80 -3.84 2.76
CA HIS A 337 -11.72 -3.11 3.62
C HIS A 337 -11.45 -3.45 5.06
N VAL A 338 -10.96 -4.66 5.28
CA VAL A 338 -10.68 -5.13 6.64
C VAL A 338 -9.45 -4.45 7.22
N TRP A 339 -8.35 -4.49 6.48
CA TRP A 339 -7.12 -3.80 6.90
C TRP A 339 -7.35 -2.30 7.04
N GLN A 340 -8.08 -1.70 6.11
CA GLN A 340 -8.33 -0.26 6.17
C GLN A 340 -9.10 0.18 7.42
N MET A 341 -10.28 -0.37 7.63
CA MET A 341 -11.11 0.17 8.72
C MET A 341 -11.78 -0.90 9.56
N THR A 342 -12.16 -1.97 8.90
CA THR A 342 -13.16 -2.84 9.46
C THR A 342 -12.58 -3.74 10.59
N PHE A 343 -11.31 -4.11 10.49
CA PHE A 343 -10.64 -4.88 11.56
C PHE A 343 -10.51 -4.06 12.84
N ARG A 344 -10.05 -2.83 12.71
CA ARG A 344 -9.93 -1.91 13.84
C ARG A 344 -11.29 -1.76 14.51
N ILE A 345 -12.34 -1.67 13.71
CA ILE A 345 -13.67 -1.49 14.26
C ILE A 345 -14.14 -2.69 15.07
N LEU A 346 -13.88 -3.92 14.60
CA LEU A 346 -14.21 -5.10 15.41
C LEU A 346 -13.36 -5.15 16.68
N THR A 347 -12.09 -4.83 16.55
CA THR A 347 -11.17 -4.78 17.69
C THR A 347 -11.69 -3.88 18.81
N MET A 348 -12.15 -2.68 18.46
CA MET A 348 -12.61 -1.74 19.47
C MET A 348 -13.96 -2.17 20.05
N ALA A 349 -14.83 -2.76 19.22
CA ALA A 349 -16.11 -3.27 19.72
C ALA A 349 -15.89 -4.45 20.68
N ALA A 350 -14.88 -5.26 20.38
CA ALA A 350 -14.55 -6.43 21.21
C ALA A 350 -13.99 -5.99 22.55
N PHE A 351 -13.03 -5.06 22.54
CA PHE A 351 -12.51 -4.55 23.81
C PHE A 351 -13.51 -3.66 24.58
N ALA A 352 -14.48 -3.07 23.88
CA ALA A 352 -15.52 -2.30 24.56
C ALA A 352 -16.43 -3.21 25.39
N THR A 353 -16.67 -4.42 24.90
CA THR A 353 -17.69 -5.29 25.48
C THR A 353 -17.17 -6.60 26.10
N VAL A 354 -15.85 -6.81 26.08
CA VAL A 354 -15.28 -8.04 26.64
C VAL A 354 -15.64 -8.17 28.13
N GLY A 355 -16.00 -9.38 28.54
CA GLY A 355 -16.47 -9.61 29.91
C GLY A 355 -17.94 -9.27 30.10
N GLU A 356 -18.52 -8.54 29.15
CA GLU A 356 -19.93 -8.11 29.25
C GLU A 356 -20.83 -8.98 28.36
N ILE A 357 -20.41 -9.19 27.13
CA ILE A 357 -21.08 -10.16 26.27
C ILE A 357 -20.12 -11.31 25.94
N PRO A 358 -20.62 -12.56 25.95
CA PRO A 358 -19.77 -13.74 25.75
C PRO A 358 -19.04 -13.71 24.42
N GLU A 359 -19.70 -13.25 23.36
CA GLU A 359 -19.12 -13.27 22.01
C GLU A 359 -17.78 -12.53 21.92
N ALA A 360 -17.62 -11.49 22.73
CA ALA A 360 -16.44 -10.62 22.66
C ALA A 360 -15.16 -11.30 23.15
N SER A 361 -15.30 -12.40 23.89
CA SER A 361 -14.12 -13.16 24.28
C SER A 361 -13.46 -13.76 23.04
N VAL A 362 -14.27 -14.32 22.14
CA VAL A 362 -13.74 -14.86 20.89
C VAL A 362 -13.17 -13.75 20.03
N TRP A 363 -13.91 -12.64 19.89
CA TRP A 363 -13.46 -11.53 19.06
C TRP A 363 -12.11 -10.97 19.53
N THR A 364 -11.99 -10.71 20.84
CA THR A 364 -10.72 -10.17 21.37
C THR A 364 -9.58 -11.15 21.12
N ASP A 365 -9.85 -12.44 21.35
CA ASP A 365 -8.84 -13.48 21.12
C ASP A 365 -8.38 -13.42 19.67
N TYR A 366 -9.34 -13.41 18.74
CA TYR A 366 -9.02 -13.37 17.31
C TYR A 366 -8.23 -12.12 16.92
N CYS A 367 -8.75 -10.95 17.31
CA CYS A 367 -8.18 -9.68 16.85
C CYS A 367 -6.82 -9.40 17.47
N TYR A 368 -6.67 -9.70 18.74
CA TYR A 368 -5.39 -9.45 19.41
C TYR A 368 -4.31 -10.33 18.77
N ASN A 369 -4.62 -11.61 18.60
CA ASN A 369 -3.67 -12.53 17.98
C ASN A 369 -3.41 -12.29 16.49
N GLU A 370 -4.42 -11.87 15.74
CA GLU A 370 -4.21 -11.63 14.32
C GLU A 370 -3.34 -10.39 14.09
N TRP A 371 -3.52 -9.35 14.89
CA TRP A 371 -2.62 -8.19 14.81
C TRP A 371 -1.18 -8.62 15.03
N ILE A 372 -0.95 -9.31 16.14
CA ILE A 372 0.39 -9.75 16.50
C ILE A 372 0.92 -10.68 15.43
N SER A 373 0.06 -11.54 14.92
CA SER A 373 0.46 -12.53 13.92
C SER A 373 1.09 -11.91 12.66
N ARG A 374 0.47 -10.88 12.11
CA ARG A 374 0.94 -10.39 10.80
C ARG A 374 0.78 -8.90 10.48
N LEU A 375 0.24 -8.12 11.41
CA LEU A 375 0.07 -6.68 11.18
C LEU A 375 1.07 -5.90 12.05
N PRO A 376 1.38 -4.65 11.68
CA PRO A 376 0.88 -3.86 10.53
C PRO A 376 1.56 -4.19 9.21
N GLY A 377 0.84 -3.95 8.11
CA GLY A 377 1.44 -3.99 6.79
C GLY A 377 1.64 -5.37 6.18
N LEU A 378 1.88 -5.39 4.87
CA LEU A 378 2.15 -6.63 4.15
C LEU A 378 3.63 -6.73 3.85
N HIS A 379 4.16 -5.74 3.16
CA HIS A 379 5.59 -5.68 2.89
C HIS A 379 6.36 -5.20 4.11
N LYS A 380 7.32 -6.01 4.58
CA LYS A 380 7.97 -5.70 5.84
C LYS A 380 9.07 -4.63 5.74
N ASP A 381 9.34 -4.19 4.51
CA ASP A 381 10.28 -3.09 4.30
C ASP A 381 9.62 -1.73 4.50
N GLY A 382 8.33 -1.74 4.84
CA GLY A 382 7.64 -0.50 5.17
C GLY A 382 6.86 0.14 4.04
N GLY A 383 6.99 -0.41 2.84
CA GLY A 383 6.21 0.11 1.71
C GLY A 383 4.74 -0.26 1.79
N TRP A 384 3.87 0.58 1.22
CA TRP A 384 2.46 0.22 1.15
C TRP A 384 2.11 -0.49 -0.15
N HIS A 385 1.56 -1.69 -0.04
CA HIS A 385 1.35 -2.59 -1.17
C HIS A 385 0.33 -2.06 -2.17
N ASN A 386 -0.65 -1.32 -1.67
CA ASN A 386 -1.74 -0.82 -2.49
C ASN A 386 -1.56 0.63 -2.96
N GLY A 387 -0.40 1.20 -2.69
CA GLY A 387 -0.02 2.44 -3.36
C GLY A 387 -0.33 3.76 -2.67
N ASP A 388 -0.19 4.85 -3.44
CA ASP A 388 -0.12 6.20 -2.90
C ASP A 388 -1.38 6.63 -2.16
N ALA A 389 -2.53 6.45 -2.81
CA ALA A 389 -3.78 6.93 -2.25
C ALA A 389 -4.27 6.03 -1.11
N TYR A 390 -4.29 4.72 -1.34
CA TYR A 390 -4.91 3.83 -0.35
C TYR A 390 -4.14 3.69 0.95
N PHE A 391 -2.85 4.04 0.95
CA PHE A 391 -2.10 4.10 2.20
C PHE A 391 -2.86 4.92 3.26
N HIS A 392 -3.47 6.01 2.83
CA HIS A 392 -4.11 6.95 3.77
C HIS A 392 -5.35 6.37 4.44
N VAL A 393 -6.00 5.43 3.77
CA VAL A 393 -7.24 4.83 4.25
C VAL A 393 -6.95 3.85 5.39
N ASN A 394 -5.67 3.57 5.61
CA ASN A 394 -5.25 2.73 6.74
C ASN A 394 -4.72 3.50 7.94
N ILE A 395 -4.65 4.81 7.85
CA ILE A 395 -3.94 5.61 8.86
C ILE A 395 -4.46 5.45 10.28
N ARG A 396 -5.76 5.54 10.50
CA ARG A 396 -6.29 5.36 11.85
C ARG A 396 -6.07 3.94 12.34
N THR A 397 -6.15 2.96 11.44
CA THR A 397 -5.87 1.59 11.84
C THR A 397 -4.41 1.42 12.25
N LEU A 398 -3.50 1.99 11.47
CA LEU A 398 -2.07 1.83 11.73
C LEU A 398 -1.61 2.47 13.05
N ILE A 399 -2.34 3.49 13.50
CA ILE A 399 -1.96 4.21 14.72
C ILE A 399 -2.84 3.82 15.90
N GLU A 400 -4.16 3.87 15.73
CA GLU A 400 -5.08 3.69 16.86
C GLU A 400 -5.04 2.31 17.49
N VAL A 401 -4.87 1.26 16.67
CA VAL A 401 -4.81 -0.09 17.22
C VAL A 401 -3.58 -0.26 18.13
N PRO A 402 -2.36 0.02 17.62
CA PRO A 402 -1.22 -0.15 18.56
C PRO A 402 -1.15 0.85 19.71
N VAL A 403 -1.70 2.06 19.54
CA VAL A 403 -1.79 2.99 20.68
C VAL A 403 -2.67 2.37 21.78
N PHE A 404 -3.82 1.83 21.37
CA PHE A 404 -4.75 1.21 22.30
C PHE A 404 -4.14 -0.04 22.96
N PHE A 405 -3.59 -0.94 22.13
CA PHE A 405 -2.95 -2.14 22.64
C PHE A 405 -1.83 -1.79 23.61
N SER A 406 -1.03 -0.79 23.27
CA SER A 406 0.11 -0.40 24.11
C SER A 406 -0.30 0.14 25.48
N ARG A 407 -1.35 0.93 25.53
CA ARG A 407 -1.74 1.49 26.82
C ARG A 407 -2.42 0.48 27.73
N ILE A 408 -3.15 -0.49 27.16
CA ILE A 408 -3.82 -1.45 28.01
C ILE A 408 -2.91 -2.62 28.40
N SER A 409 -1.77 -2.75 27.73
CA SER A 409 -0.87 -3.88 27.96
C SER A 409 0.39 -3.46 28.70
N GLY A 410 0.75 -2.18 28.62
CA GLY A 410 2.02 -1.72 29.15
C GLY A 410 3.21 -2.17 28.30
N PHE A 411 2.92 -2.63 27.08
CA PHE A 411 3.96 -3.07 26.13
C PHE A 411 3.94 -2.16 24.90
N ASN A 412 5.11 -1.77 24.42
CA ASN A 412 5.18 -0.88 23.26
C ASN A 412 5.02 -1.60 21.92
N PHE A 413 3.80 -1.61 21.40
CA PHE A 413 3.55 -2.25 20.10
C PHE A 413 4.21 -1.54 18.91
N PHE A 414 4.69 -0.31 19.11
CA PHE A 414 5.39 0.42 18.05
C PHE A 414 6.87 0.02 17.88
N ALA A 415 7.36 -0.87 18.75
CA ALA A 415 8.71 -1.41 18.57
C ALA A 415 8.83 -2.31 17.34
N ASP A 416 7.69 -2.67 16.73
CA ASP A 416 7.73 -3.41 15.47
C ASP A 416 8.53 -2.58 14.46
N PRO A 417 9.60 -3.17 13.89
CA PRO A 417 10.47 -2.40 12.98
C PRO A 417 9.75 -1.86 11.75
N TRP A 418 8.55 -2.36 11.45
CA TRP A 418 7.77 -1.85 10.33
C TRP A 418 7.56 -0.33 10.40
N TYR A 419 7.31 0.17 11.60
CA TYR A 419 6.99 1.59 11.75
C TYR A 419 8.13 2.52 11.31
N ASN A 420 9.33 2.32 11.85
CA ASN A 420 10.47 3.11 11.40
C ASN A 420 10.76 2.94 9.89
N ASN A 421 10.52 1.74 9.37
CA ASN A 421 10.66 1.51 7.93
C ASN A 421 9.62 2.31 7.16
N ASN A 422 8.40 2.33 7.69
CA ASN A 422 7.29 2.98 7.01
C ASN A 422 7.47 4.50 6.99
N ALA A 423 8.17 5.02 8.01
CA ALA A 423 8.49 6.45 8.06
C ALA A 423 9.19 6.88 6.77
N LEU A 424 10.14 6.08 6.31
CA LEU A 424 10.86 6.39 5.07
C LEU A 424 9.94 6.33 3.85
N TYR A 425 9.00 5.38 3.83
CA TYR A 425 8.03 5.30 2.74
C TYR A 425 7.20 6.58 2.67
N VAL A 426 6.72 7.04 3.83
CA VAL A 426 5.92 8.25 3.91
C VAL A 426 6.65 9.44 3.27
N ILE A 427 7.94 9.59 3.59
CA ILE A 427 8.73 10.72 3.06
C ILE A 427 9.07 10.51 1.58
N TYR A 428 9.65 9.38 1.25
CA TYR A 428 10.12 9.17 -0.12
C TYR A 428 8.97 9.08 -1.13
N GLN A 429 7.88 8.42 -0.76
CA GLN A 429 6.81 8.22 -1.75
C GLN A 429 6.08 9.51 -2.08
N GLN A 430 6.13 10.48 -1.18
CA GLN A 430 5.57 11.78 -1.46
C GLN A 430 6.27 12.87 -0.65
N PRO A 431 7.36 13.41 -1.22
CA PRO A 431 8.16 14.43 -0.52
C PRO A 431 7.33 15.67 -0.23
N PRO A 432 7.83 16.57 0.64
CA PRO A 432 7.08 17.78 0.96
C PRO A 432 6.60 18.49 -0.29
N PHE A 433 5.33 18.88 -0.29
CA PHE A 433 4.71 19.67 -1.35
C PHE A 433 4.90 19.10 -2.74
N SER A 434 4.86 17.76 -2.81
CA SER A 434 5.20 17.04 -4.02
C SER A 434 4.11 16.06 -4.42
N LYS A 435 4.00 15.86 -5.73
CA LYS A 435 3.19 14.81 -6.33
C LYS A 435 3.70 13.45 -5.86
N SER A 436 2.80 12.54 -5.51
CA SER A 436 3.20 11.20 -5.07
C SER A 436 3.81 10.42 -6.24
N GLY A 437 4.56 9.36 -5.92
CA GLY A 437 5.36 8.63 -6.89
C GLY A 437 4.63 7.95 -8.03
N GLY A 438 3.32 7.72 -7.88
CA GLY A 438 2.49 7.26 -8.98
C GLY A 438 2.08 5.79 -8.95
N HIS A 439 1.86 5.25 -7.75
CA HIS A 439 1.54 3.82 -7.63
C HIS A 439 0.16 3.62 -7.04
N GLY A 440 -0.54 2.57 -7.47
CA GLY A 440 -1.84 2.20 -6.92
C GLY A 440 -3.01 2.99 -7.47
N ASN A 441 -4.23 2.43 -7.36
CA ASN A 441 -5.46 3.14 -7.72
C ASN A 441 -5.52 4.54 -7.12
N SER A 442 -5.95 5.52 -7.93
CA SER A 442 -6.13 6.92 -7.53
C SER A 442 -4.83 7.67 -7.27
N HIS A 443 -3.72 7.15 -7.79
CA HIS A 443 -2.42 7.79 -7.65
C HIS A 443 -2.38 9.21 -8.20
N GLU A 444 -3.13 9.45 -9.27
CA GLU A 444 -3.06 10.73 -9.97
C GLU A 444 -3.64 11.90 -9.15
N GLY A 445 -4.46 11.60 -8.15
CA GLY A 445 -5.05 12.65 -7.33
C GLY A 445 -4.21 13.04 -6.13
N GLN A 446 -3.11 12.33 -5.89
CA GLN A 446 -2.26 12.63 -4.73
C GLN A 446 -1.20 13.67 -5.10
N ARG A 447 -1.58 14.94 -4.97
CA ARG A 447 -0.75 16.04 -5.51
C ARG A 447 0.18 16.70 -4.49
N SER A 448 -0.14 16.57 -3.21
CA SER A 448 0.65 17.22 -2.15
C SER A 448 0.23 16.57 -0.84
N PRO A 449 1.21 16.31 0.05
CA PRO A 449 0.89 15.63 1.33
C PRO A 449 -0.29 16.31 2.03
N ASN A 450 -1.32 15.53 2.39
CA ASN A 450 -2.50 16.11 3.02
C ASN A 450 -2.41 16.05 4.55
N GLY A 451 -3.37 16.68 5.23
CA GLY A 451 -3.38 16.71 6.69
C GLY A 451 -3.37 15.34 7.35
N GLY A 452 -4.00 14.36 6.71
CA GLY A 452 -4.02 13.01 7.25
C GLY A 452 -2.64 12.38 7.24
N ARG A 453 -1.92 12.56 6.14
CA ARG A 453 -0.56 12.05 6.03
C ARG A 453 0.35 12.73 7.04
N ILE A 454 0.17 14.05 7.22
CA ILE A 454 0.94 14.77 8.22
C ILE A 454 0.60 14.32 9.65
N GLY A 455 -0.69 14.13 9.95
CA GLY A 455 -1.08 13.63 11.26
C GLY A 455 -0.48 12.25 11.53
N TYR A 456 -0.35 11.45 10.48
CA TYR A 456 0.26 10.12 10.63
C TYR A 456 1.76 10.23 10.93
N ALA A 457 2.48 11.07 10.18
CA ALA A 457 3.91 11.23 10.41
C ALA A 457 4.15 11.80 11.80
N ASP A 458 3.26 12.69 12.23
CA ASP A 458 3.29 13.26 13.58
C ASP A 458 3.21 12.12 14.61
N ALA A 459 2.23 11.23 14.44
CA ALA A 459 2.12 10.08 15.35
C ALA A 459 3.38 9.21 15.33
N LEU A 460 3.93 8.95 14.14
CA LEU A 460 5.15 8.13 14.08
C LEU A 460 6.29 8.83 14.81
N ALA A 461 6.35 10.15 14.65
CA ALA A 461 7.39 10.94 15.30
C ALA A 461 7.29 10.77 16.82
N ARG A 462 6.07 10.82 17.34
CA ARG A 462 5.88 10.72 18.78
C ARG A 462 6.05 9.30 19.29
N GLU A 463 5.46 8.34 18.59
CA GLU A 463 5.40 6.98 19.10
C GLU A 463 6.71 6.23 18.90
N CYS A 464 7.49 6.67 17.93
CA CYS A 464 8.74 5.98 17.58
C CYS A 464 9.95 6.86 17.81
N ASN A 465 9.72 8.08 18.27
CA ASN A 465 10.79 9.08 18.40
C ASN A 465 11.63 9.08 17.13
N ASN A 466 10.93 9.14 15.99
CA ASN A 466 11.59 9.02 14.70
C ASN A 466 11.92 10.42 14.20
N PRO A 467 13.22 10.71 14.03
CA PRO A 467 13.67 12.06 13.68
C PRO A 467 13.35 12.43 12.24
N TRP A 468 13.23 11.43 11.36
CA TRP A 468 12.88 11.72 9.97
C TRP A 468 11.40 12.07 9.85
N ALA A 469 10.54 11.30 10.50
CA ALA A 469 9.12 11.66 10.59
C ALA A 469 8.96 13.05 11.23
N ALA A 470 9.74 13.32 12.26
CA ALA A 470 9.70 14.64 12.91
C ALA A 470 10.10 15.75 11.93
N ALA A 471 11.11 15.48 11.12
CA ALA A 471 11.59 16.45 10.15
C ALA A 471 10.54 16.73 9.08
N TYR A 472 9.88 15.68 8.62
CA TYR A 472 8.81 15.79 7.61
C TYR A 472 7.72 16.71 8.13
N VAL A 473 7.28 16.47 9.36
CA VAL A 473 6.22 17.30 9.97
C VAL A 473 6.71 18.73 10.18
N HIS A 474 7.88 18.89 10.77
CA HIS A 474 8.38 20.21 11.08
C HIS A 474 8.62 21.05 9.83
N GLU A 475 9.23 20.45 8.82
CA GLU A 475 9.58 21.22 7.63
C GLU A 475 8.34 21.59 6.81
N ILE A 476 7.33 20.72 6.84
CA ILE A 476 6.11 20.97 6.10
C ILE A 476 5.26 22.02 6.83
N MET A 477 5.14 21.89 8.15
CA MET A 477 4.42 22.87 8.95
C MET A 477 5.07 24.26 8.94
N GLN A 478 6.37 24.30 8.69
CA GLN A 478 7.08 25.58 8.60
C GLN A 478 6.55 26.36 7.41
N GLU A 479 6.39 25.68 6.27
CA GLU A 479 5.85 26.32 5.07
C GLU A 479 4.33 26.42 5.09
N ASP A 480 3.67 25.45 5.72
CA ASP A 480 2.20 25.46 5.79
C ASP A 480 1.69 25.14 7.20
N PRO A 481 1.62 26.17 8.05
CA PRO A 481 1.25 25.98 9.47
C PRO A 481 -0.12 25.36 9.68
N ASP A 482 -1.02 25.51 8.72
CA ASP A 482 -2.39 25.02 8.91
C ASP A 482 -2.66 23.67 8.24
N ILE A 483 -1.62 22.95 7.83
CA ILE A 483 -1.78 21.72 7.06
C ILE A 483 -2.70 20.65 7.69
N LEU A 484 -2.68 20.51 9.01
CA LEU A 484 -3.50 19.50 9.67
C LEU A 484 -5.00 19.75 9.47
N SER A 485 -5.36 20.99 9.15
CA SER A 485 -6.75 21.41 9.07
C SER A 485 -7.26 21.50 7.64
N LYS A 486 -6.35 21.28 6.69
CA LYS A 486 -6.69 21.34 5.27
C LYS A 486 -7.56 20.14 4.87
N ALA A 487 -7.80 20.00 3.57
CA ALA A 487 -8.73 18.98 3.05
C ALA A 487 -8.14 17.58 2.96
N PHE A 488 -8.82 16.62 3.58
CA PHE A 488 -8.57 15.20 3.36
C PHE A 488 -9.77 14.41 3.88
N GLU A 489 -9.89 13.16 3.45
CA GLU A 489 -10.99 12.32 3.91
C GLU A 489 -10.76 11.93 5.37
N ALA A 490 -11.56 12.49 6.27
CA ALA A 490 -11.37 12.29 7.70
C ALA A 490 -11.64 10.85 8.18
N LYS A 491 -12.67 10.22 7.64
CA LYS A 491 -13.15 8.94 8.17
C LYS A 491 -12.06 7.89 8.48
N PRO A 492 -11.16 7.60 7.52
CA PRO A 492 -10.17 6.58 7.86
C PRO A 492 -8.82 7.13 8.35
N ALA A 493 -8.66 8.45 8.44
CA ALA A 493 -7.32 9.04 8.59
C ALA A 493 -7.17 10.13 9.66
N ASP A 494 -8.28 10.71 10.11
CA ASP A 494 -8.19 11.83 11.06
C ASP A 494 -7.67 11.38 12.42
N LEU A 495 -6.57 12.00 12.87
CA LEU A 495 -5.93 11.65 14.14
C LEU A 495 -6.06 12.74 15.21
N THR A 496 -7.03 13.64 15.01
CA THR A 496 -7.35 14.68 15.98
C THR A 496 -7.57 14.11 17.38
N TRP A 497 -8.34 13.03 17.48
CA TRP A 497 -8.63 12.45 18.81
C TRP A 497 -7.39 11.87 19.46
N TYR A 498 -6.54 11.23 18.66
CA TYR A 498 -5.24 10.80 19.14
C TYR A 498 -4.45 11.97 19.73
N ARG A 499 -4.41 13.10 19.01
CA ARG A 499 -3.71 14.27 19.52
C ARG A 499 -4.35 14.86 20.78
N CYS A 500 -5.66 14.73 20.91
CA CYS A 500 -6.37 15.19 22.11
C CYS A 500 -6.07 14.33 23.33
N THR A 501 -5.69 13.08 23.11
CA THR A 501 -5.59 12.12 24.22
C THR A 501 -4.19 11.62 24.53
N THR A 502 -3.25 11.75 23.60
CA THR A 502 -1.88 11.31 23.88
C THR A 502 -1.16 12.22 24.88
N PRO A 503 -0.39 11.61 25.80
CA PRO A 503 0.45 12.42 26.70
C PRO A 503 1.83 12.70 26.07
N LYS A 504 2.06 12.18 24.87
CA LYS A 504 3.32 12.39 24.18
C LYS A 504 3.36 13.71 23.40
N GLU A 505 4.50 14.37 23.44
CA GLU A 505 4.69 15.60 22.66
C GLU A 505 5.55 15.31 21.44
N ARG A 506 5.50 16.20 20.44
CA ARG A 506 6.34 16.06 19.24
C ARG A 506 7.79 16.16 19.66
N PRO A 507 8.65 15.26 19.16
CA PRO A 507 10.06 15.44 19.49
C PRO A 507 10.61 16.72 18.88
N ALA A 508 11.71 17.22 19.44
CA ALA A 508 12.35 18.42 18.91
C ALA A 508 12.89 18.13 17.51
N TYR A 509 12.72 19.09 16.61
CA TYR A 509 13.33 19.03 15.29
C TYR A 509 14.83 18.79 15.42
N SER A 510 15.33 17.72 14.80
CA SER A 510 16.79 17.48 14.82
C SER A 510 17.35 17.32 13.40
N LYS A 511 17.25 16.13 12.83
CA LYS A 511 17.67 15.90 11.45
C LYS A 511 16.86 16.74 10.47
N HIS A 512 17.49 17.19 9.39
CA HIS A 512 16.80 17.82 8.28
C HIS A 512 16.56 16.79 7.19
N LEU A 513 15.53 16.99 6.38
CA LEU A 513 15.25 16.04 5.29
C LEU A 513 16.42 15.99 4.31
N SER A 514 17.15 17.11 4.21
CA SER A 514 18.31 17.19 3.34
C SER A 514 19.43 16.23 3.73
N GLU A 515 19.34 15.68 4.94
CA GLU A 515 20.36 14.71 5.38
C GLU A 515 20.04 13.26 4.97
N LEU A 516 18.86 13.03 4.38
CA LEU A 516 18.48 11.71 3.90
C LEU A 516 19.31 11.28 2.71
N PRO A 517 19.47 9.96 2.52
CA PRO A 517 20.06 9.47 1.26
C PRO A 517 19.23 9.90 0.04
N GLU A 518 19.91 10.13 -1.10
CA GLU A 518 19.25 10.60 -2.33
C GLU A 518 18.27 9.56 -2.88
N SER A 519 18.54 8.29 -2.61
CA SER A 519 17.69 7.22 -3.12
C SER A 519 17.28 6.25 -2.02
N LYS A 520 16.13 5.61 -2.22
CA LYS A 520 15.64 4.61 -1.28
C LYS A 520 14.98 3.49 -2.06
N VAL A 521 15.39 2.25 -1.79
CA VAL A 521 14.82 1.10 -2.45
C VAL A 521 14.04 0.27 -1.45
N PHE A 522 12.80 -0.06 -1.80
CA PHE A 522 12.00 -0.96 -1.00
C PHE A 522 11.99 -2.31 -1.71
N LYS A 523 12.89 -3.21 -1.31
CA LYS A 523 13.09 -4.46 -2.04
C LYS A 523 11.87 -5.38 -2.04
N GLN A 524 11.18 -5.47 -0.90
CA GLN A 524 10.03 -6.36 -0.75
C GLN A 524 8.80 -5.79 -1.45
N THR A 525 8.54 -4.51 -1.22
CA THR A 525 7.50 -3.76 -1.94
C THR A 525 7.79 -3.73 -3.45
N GLY A 526 9.08 -3.74 -3.80
CA GLY A 526 9.48 -3.69 -5.20
C GLY A 526 9.37 -2.29 -5.78
N THR A 527 9.79 -1.29 -5.02
CA THR A 527 9.75 0.08 -5.53
C THR A 527 11.05 0.79 -5.22
N ALA A 528 11.30 1.90 -5.91
CA ALA A 528 12.49 2.70 -5.69
C ALA A 528 12.20 4.16 -5.99
N LEU A 529 12.82 5.04 -5.20
CA LEU A 529 12.67 6.48 -5.35
C LEU A 529 14.06 7.12 -5.45
N MET A 530 14.26 7.95 -6.45
CA MET A 530 15.56 8.59 -6.67
C MET A 530 15.36 10.09 -6.72
N ASN A 531 16.15 10.84 -5.94
CA ASN A 531 15.99 12.29 -5.79
C ASN A 531 17.32 13.03 -5.86
N THR A 532 17.32 14.16 -6.57
CA THR A 532 18.50 15.03 -6.59
C THR A 532 18.53 16.01 -5.40
N ASP A 533 17.36 16.31 -4.83
CA ASP A 533 17.28 17.31 -3.76
C ASP A 533 16.00 17.13 -2.92
N ILE A 534 15.83 15.96 -2.33
CA ILE A 534 14.61 15.66 -1.58
C ILE A 534 14.36 16.64 -0.41
N GLY A 535 15.45 17.17 0.17
CA GLY A 535 15.34 18.15 1.24
C GLY A 535 15.03 19.58 0.80
N HIS A 536 14.99 19.81 -0.51
CA HIS A 536 14.54 21.09 -1.07
C HIS A 536 13.62 20.83 -2.26
N HIS A 537 12.38 20.47 -1.94
CA HIS A 537 11.40 19.94 -2.90
C HIS A 537 11.27 20.69 -4.22
N ALA A 538 11.32 22.02 -4.19
CA ALA A 538 11.13 22.82 -5.40
C ALA A 538 12.30 22.69 -6.40
N ASN A 539 13.44 22.20 -5.91
CA ASN A 539 14.63 21.99 -6.74
C ASN A 539 14.87 20.50 -7.01
N ASN A 540 13.90 19.66 -6.66
CA ASN A 540 14.09 18.20 -6.67
C ASN A 540 13.72 17.57 -8.00
N ALA A 541 14.69 16.91 -8.64
CA ALA A 541 14.45 16.08 -9.81
C ALA A 541 14.30 14.64 -9.33
N MET A 542 13.15 14.04 -9.63
CA MET A 542 12.78 12.79 -8.97
C MET A 542 12.33 11.73 -9.98
N LEU A 543 12.72 10.48 -9.74
CA LEU A 543 12.26 9.34 -10.54
C LEU A 543 11.74 8.25 -9.59
N SER A 544 10.56 7.71 -9.88
CA SER A 544 10.06 6.56 -9.14
C SER A 544 10.06 5.33 -10.04
N PHE A 545 10.11 4.14 -9.44
CA PHE A 545 10.22 2.89 -10.20
C PHE A 545 9.45 1.78 -9.48
N ARG A 546 8.83 0.88 -10.24
CA ARG A 546 8.18 -0.29 -9.65
C ARG A 546 8.49 -1.58 -10.42
N SER A 547 8.78 -2.64 -9.67
CA SER A 547 8.86 -3.99 -10.23
C SER A 547 8.65 -4.89 -9.02
N SER A 548 7.42 -5.35 -8.84
CA SER A 548 6.92 -5.81 -7.54
C SER A 548 6.36 -7.23 -7.48
N PRO A 549 6.76 -8.02 -6.46
CA PRO A 549 6.24 -9.38 -6.28
C PRO A 549 4.74 -9.42 -6.00
N TYR A 550 4.15 -8.26 -5.72
CA TYR A 550 2.71 -8.17 -5.48
C TYR A 550 1.92 -8.17 -6.78
N GLY A 551 2.62 -7.94 -7.89
CA GLY A 551 1.98 -7.93 -9.20
C GLY A 551 0.93 -6.84 -9.32
N SER A 552 -0.17 -7.16 -10.02
CA SER A 552 -1.17 -6.16 -10.35
C SER A 552 -2.54 -6.56 -9.78
N THR A 553 -2.54 -7.18 -8.61
CA THR A 553 -3.80 -7.51 -7.98
C THR A 553 -4.26 -6.34 -7.10
N SER A 554 -5.45 -6.47 -6.51
CA SER A 554 -5.97 -5.48 -5.57
C SER A 554 -5.98 -4.05 -6.14
N HIS A 555 -5.36 -3.08 -5.43
CA HIS A 555 -5.29 -1.71 -5.95
C HIS A 555 -4.02 -1.41 -6.72
N ALA A 556 -3.15 -2.41 -6.86
CA ALA A 556 -1.87 -2.22 -7.57
C ALA A 556 -2.09 -2.25 -9.09
N LEU A 557 -1.18 -1.63 -9.84
CA LEU A 557 -1.33 -1.50 -11.29
C LEU A 557 -0.48 -2.52 -12.03
N ALA A 558 -0.74 -2.70 -13.32
CA ALA A 558 0.06 -3.62 -14.13
C ALA A 558 1.24 -2.84 -14.70
N ASN A 559 2.09 -2.32 -13.81
CA ASN A 559 3.15 -1.39 -14.20
C ASN A 559 4.54 -1.87 -13.84
N GLN A 560 4.80 -3.17 -13.93
CA GLN A 560 6.15 -3.66 -13.62
C GLN A 560 7.16 -3.05 -14.60
N ASN A 561 8.33 -2.67 -14.05
CA ASN A 561 9.38 -1.97 -14.79
C ASN A 561 9.00 -0.60 -15.32
N ALA A 562 7.96 -0.01 -14.73
CA ALA A 562 7.53 1.35 -15.12
C ALA A 562 8.20 2.39 -14.26
N PHE A 563 8.61 3.49 -14.87
CA PHE A 563 9.12 4.64 -14.13
C PHE A 563 8.21 5.87 -14.32
N ASN A 564 8.33 6.81 -13.40
CA ASN A 564 7.74 8.14 -13.55
C ASN A 564 8.81 9.18 -13.21
N THR A 565 8.68 10.38 -13.77
CA THR A 565 9.61 11.48 -13.44
C THR A 565 8.88 12.72 -12.94
N PHE A 566 9.59 13.54 -12.18
CA PHE A 566 9.00 14.70 -11.53
C PHE A 566 10.09 15.77 -11.44
N PHE A 567 9.69 17.04 -11.53
CA PHE A 567 10.59 18.10 -11.08
C PHE A 567 9.84 19.11 -10.23
N GLY A 568 10.45 19.50 -9.13
CA GLY A 568 9.85 20.47 -8.23
C GLY A 568 8.56 19.99 -7.61
N GLY A 569 8.35 18.67 -7.60
CA GLY A 569 7.15 18.10 -7.01
C GLY A 569 5.95 18.03 -7.96
N LYS A 570 6.21 18.19 -9.26
CA LYS A 570 5.17 18.02 -10.27
C LYS A 570 5.66 17.04 -11.33
N ALA A 571 4.78 16.14 -11.77
CA ALA A 571 5.17 15.07 -12.67
C ALA A 571 5.41 15.56 -14.09
N ILE A 572 6.28 14.85 -14.83
CA ILE A 572 6.30 15.00 -16.29
C ILE A 572 5.93 13.67 -16.94
N PHE A 573 6.88 12.74 -17.05
CA PHE A 573 6.55 11.41 -17.58
C PHE A 573 5.78 10.65 -16.49
N TYR A 574 4.54 10.26 -16.78
CA TYR A 574 3.68 9.79 -15.71
C TYR A 574 2.60 8.82 -16.18
N SER A 575 2.38 7.76 -15.38
CA SER A 575 1.32 6.80 -15.66
C SER A 575 -0.01 7.50 -15.95
N SER A 576 -0.65 7.09 -17.04
CA SER A 576 -1.82 7.77 -17.56
C SER A 576 -3.13 7.05 -17.20
N GLY A 577 -4.24 7.65 -17.62
CA GLY A 577 -5.55 7.11 -17.34
C GLY A 577 -6.14 7.69 -16.08
N HIS A 578 -7.41 7.37 -15.81
CA HIS A 578 -8.10 7.87 -14.64
C HIS A 578 -8.68 6.72 -13.83
N ARG A 579 -8.62 6.83 -12.51
CA ARG A 579 -9.30 5.83 -11.67
C ARG A 579 -10.81 6.12 -11.68
N THR A 580 -11.57 5.40 -12.50
CA THR A 580 -13.02 5.60 -12.58
C THR A 580 -13.81 4.54 -11.82
N GLY A 581 -13.11 3.49 -11.40
CA GLY A 581 -13.76 2.38 -10.70
C GLY A 581 -12.75 1.38 -10.18
N PHE A 582 -13.17 0.13 -10.03
CA PHE A 582 -12.29 -0.92 -9.52
C PHE A 582 -12.08 -2.01 -10.56
N THR A 583 -13.13 -2.30 -11.33
CA THR A 583 -13.06 -3.33 -12.37
C THR A 583 -13.62 -2.91 -13.73
N ASP A 584 -13.90 -1.62 -13.91
CA ASP A 584 -14.54 -1.19 -15.16
C ASP A 584 -13.57 -1.22 -16.36
N ASP A 585 -14.13 -1.09 -17.58
CA ASP A 585 -13.33 -1.24 -18.79
C ASP A 585 -12.17 -0.23 -18.90
N HIS A 586 -12.42 1.02 -18.54
CA HIS A 586 -11.32 1.97 -18.55
C HIS A 586 -10.21 1.54 -17.59
N CYS A 587 -10.58 1.08 -16.41
CA CYS A 587 -9.56 0.63 -15.46
C CYS A 587 -8.78 -0.57 -16.00
N MET A 588 -9.48 -1.55 -16.54
CA MET A 588 -8.81 -2.77 -16.99
C MET A 588 -7.98 -2.58 -18.26
N TYR A 589 -8.44 -1.70 -19.16
CA TYR A 589 -7.81 -1.56 -20.48
C TYR A 589 -6.90 -0.33 -20.60
N ALA A 590 -7.14 0.68 -19.77
CA ALA A 590 -6.46 1.97 -20.00
C ALA A 590 -5.89 2.65 -18.77
N TYR A 591 -5.96 2.00 -17.62
CA TYR A 591 -5.48 2.61 -16.37
C TYR A 591 -4.58 1.64 -15.58
N ARG A 592 -5.10 0.47 -15.23
CA ARG A 592 -4.27 -0.58 -14.62
C ARG A 592 -3.33 -1.13 -15.68
N ASN A 593 -3.89 -1.26 -16.89
CA ASN A 593 -3.25 -1.94 -18.01
C ASN A 593 -1.85 -1.39 -18.27
N THR A 594 -0.93 -2.27 -18.62
CA THR A 594 0.46 -1.87 -18.91
C THR A 594 0.55 -0.78 -19.99
N ARG A 595 -0.40 -0.76 -20.92
CA ARG A 595 -0.38 0.28 -21.95
C ARG A 595 -0.46 1.72 -21.41
N ALA A 596 -0.90 1.88 -20.16
CA ALA A 596 -1.02 3.21 -19.56
C ALA A 596 0.29 3.74 -19.00
N HIS A 597 1.29 2.87 -18.92
CA HIS A 597 2.49 3.18 -18.12
C HIS A 597 3.75 3.34 -18.94
N ASN A 598 4.80 3.86 -18.31
CA ASN A 598 6.10 4.03 -18.93
C ASN A 598 6.89 2.74 -18.83
N SER A 599 6.43 1.72 -19.57
CA SER A 599 7.05 0.40 -19.54
C SER A 599 7.10 -0.14 -20.97
N ILE A 600 7.01 -1.45 -21.13
CA ILE A 600 7.17 -2.09 -22.45
C ILE A 600 5.98 -2.99 -22.78
N LEU A 601 5.53 -2.96 -24.03
CA LEU A 601 4.56 -3.96 -24.51
C LEU A 601 5.23 -4.93 -25.51
N VAL A 602 4.63 -6.11 -25.67
CA VAL A 602 5.15 -7.13 -26.59
C VAL A 602 4.06 -7.44 -27.62
N ASN A 603 4.29 -7.04 -28.87
CA ASN A 603 3.24 -7.04 -29.89
C ASN A 603 1.98 -6.36 -29.37
N GLY A 604 2.16 -5.30 -28.60
CA GLY A 604 1.03 -4.55 -28.05
C GLY A 604 0.41 -5.17 -26.81
N MET A 605 0.91 -6.33 -26.40
CA MET A 605 0.31 -7.08 -25.30
C MET A 605 0.96 -6.69 -23.97
N GLY A 606 0.18 -6.72 -22.89
CA GLY A 606 0.65 -6.25 -21.60
C GLY A 606 0.72 -7.29 -20.50
N GLN A 607 0.90 -6.83 -19.26
CA GLN A 607 1.10 -7.75 -18.14
C GLN A 607 -0.21 -8.36 -17.64
N LYS A 608 -0.11 -9.62 -17.20
CA LYS A 608 -1.25 -10.32 -16.61
C LYS A 608 -1.81 -9.55 -15.39
N ILE A 609 -3.13 -9.59 -15.25
CA ILE A 609 -3.80 -8.99 -14.10
C ILE A 609 -3.86 -10.00 -12.95
N GLY A 610 -3.26 -9.65 -11.81
CA GLY A 610 -3.25 -10.54 -10.66
C GLY A 610 -1.86 -10.68 -10.09
N THR A 611 -1.68 -11.55 -9.11
CA THR A 611 -0.37 -11.75 -8.51
C THR A 611 0.61 -12.37 -9.53
N GLU A 612 0.08 -13.00 -10.57
CA GLU A 612 0.92 -13.64 -11.57
C GLU A 612 1.70 -12.65 -12.44
N GLY A 613 1.21 -11.42 -12.56
CA GLY A 613 1.92 -10.40 -13.32
C GLY A 613 2.94 -9.70 -12.45
N TYR A 614 3.83 -10.47 -11.82
CA TYR A 614 4.79 -9.90 -10.87
C TYR A 614 6.10 -9.42 -11.51
N GLY A 615 6.77 -8.51 -10.80
CA GLY A 615 8.14 -8.17 -11.10
C GLY A 615 8.93 -8.35 -9.81
N TRP A 616 10.22 -8.04 -9.84
CA TRP A 616 11.01 -8.02 -8.61
C TRP A 616 12.27 -7.21 -8.84
N ILE A 617 12.93 -6.84 -7.75
CA ILE A 617 14.14 -6.04 -7.81
C ILE A 617 15.31 -6.92 -7.38
N PRO A 618 16.09 -7.41 -8.36
CA PRO A 618 17.13 -8.38 -8.04
C PRO A 618 18.36 -7.77 -7.39
N ARG A 619 18.66 -6.51 -7.72
CA ARG A 619 19.86 -5.84 -7.20
C ARG A 619 19.65 -4.33 -7.23
N TYR A 620 20.43 -3.61 -6.44
CA TYR A 620 20.30 -2.16 -6.35
C TYR A 620 21.47 -1.58 -5.55
N TYR A 621 21.67 -0.28 -5.67
CA TYR A 621 22.67 0.38 -4.84
C TYR A 621 22.22 1.80 -4.55
N GLU A 622 22.10 2.14 -3.27
CA GLU A 622 21.77 3.50 -2.86
C GLU A 622 23.06 4.23 -2.50
N GLY A 623 23.45 5.20 -3.32
CA GLY A 623 24.73 5.86 -3.11
C GLY A 623 24.62 7.36 -3.12
N GLU A 624 25.75 8.04 -3.34
CA GLU A 624 25.79 9.50 -3.38
C GLU A 624 26.10 10.06 -4.78
N GLU A 625 27.22 9.65 -5.37
CA GLU A 625 27.55 10.11 -6.72
C GLU A 625 26.80 9.31 -7.77
N ILE A 626 26.20 8.20 -7.37
CA ILE A 626 25.48 7.33 -8.28
C ILE A 626 24.55 6.41 -7.48
N SER A 627 23.35 6.14 -8.01
CA SER A 627 22.40 5.18 -7.42
C SER A 627 21.89 4.30 -8.55
N TYR A 628 21.30 3.15 -8.22
CA TYR A 628 21.02 2.12 -9.22
C TYR A 628 19.89 1.23 -8.75
N VAL A 629 18.99 0.88 -9.66
CA VAL A 629 18.00 -0.14 -9.34
C VAL A 629 17.66 -0.95 -10.59
N VAL A 630 17.43 -2.25 -10.41
CA VAL A 630 17.04 -3.14 -11.52
C VAL A 630 15.67 -3.74 -11.25
N GLY A 631 14.85 -3.84 -12.30
CA GLY A 631 13.57 -4.53 -12.18
C GLY A 631 13.53 -5.64 -13.19
N ASP A 632 12.97 -6.80 -12.78
CA ASP A 632 12.85 -7.93 -13.68
C ASP A 632 11.36 -8.27 -13.84
N ALA A 633 10.84 -8.11 -15.04
CA ALA A 633 9.43 -8.40 -15.30
C ALA A 633 9.27 -9.50 -16.36
N SER A 634 10.26 -10.40 -16.44
CA SER A 634 10.31 -11.47 -17.45
C SER A 634 9.08 -12.39 -17.45
N ASN A 635 8.43 -12.50 -16.30
CA ASN A 635 7.32 -13.44 -16.16
C ASN A 635 5.96 -12.78 -16.01
N ALA A 636 5.91 -11.45 -16.18
CA ALA A 636 4.70 -10.69 -15.86
C ALA A 636 3.66 -10.66 -17.00
N TYR A 637 4.03 -11.18 -18.17
CA TYR A 637 3.20 -11.03 -19.37
C TYR A 637 2.52 -12.34 -19.76
N GLY A 638 1.48 -12.24 -20.60
CA GLY A 638 0.78 -13.44 -21.02
C GLY A 638 -0.72 -13.42 -20.78
N LYS A 639 -1.32 -14.59 -20.62
CA LYS A 639 -2.76 -14.70 -20.42
C LYS A 639 -3.13 -14.51 -18.95
N VAL A 640 -4.25 -13.81 -18.71
CA VAL A 640 -4.78 -13.68 -17.36
C VAL A 640 -5.26 -15.05 -16.84
N VAL A 641 -4.78 -15.46 -15.67
CA VAL A 641 -5.12 -16.77 -15.13
C VAL A 641 -5.56 -16.73 -13.68
N SER A 642 -5.41 -15.58 -13.03
CA SER A 642 -5.86 -15.41 -11.65
C SER A 642 -7.35 -15.78 -11.50
N PRO A 643 -7.67 -16.81 -10.70
CA PRO A 643 -9.09 -17.13 -10.53
C PRO A 643 -9.89 -15.97 -9.96
N LEU A 644 -9.30 -15.19 -9.06
CA LEU A 644 -9.96 -14.00 -8.52
C LEU A 644 -10.31 -12.99 -9.62
N TRP A 645 -9.34 -12.67 -10.46
CA TRP A 645 -9.59 -11.67 -11.49
C TRP A 645 -10.40 -12.20 -12.67
N LEU A 646 -10.38 -13.51 -12.89
CA LEU A 646 -11.23 -14.10 -13.93
C LEU A 646 -12.68 -14.03 -13.49
N GLU A 647 -12.92 -14.19 -12.19
CA GLU A 647 -14.29 -14.10 -11.69
C GLU A 647 -14.76 -12.63 -11.71
N ARG A 648 -13.90 -11.72 -11.27
CA ARG A 648 -14.24 -10.29 -11.35
C ARG A 648 -14.54 -9.89 -12.80
N GLY A 649 -13.74 -10.43 -13.73
CA GLY A 649 -13.92 -10.13 -15.14
C GLY A 649 -15.24 -10.62 -15.67
N ARG A 650 -15.60 -11.85 -15.32
CA ARG A 650 -16.90 -12.40 -15.70
C ARG A 650 -18.03 -11.51 -15.17
N LEU A 651 -17.98 -11.19 -13.89
CA LEU A 651 -19.01 -10.35 -13.29
C LEU A 651 -19.08 -8.96 -13.93
N SER A 652 -17.92 -8.40 -14.30
CA SER A 652 -17.84 -6.99 -14.71
C SER A 652 -17.95 -6.76 -16.21
N GLY A 653 -17.90 -7.83 -16.99
CA GLY A 653 -17.94 -7.70 -18.44
C GLY A 653 -16.57 -7.49 -19.07
N THR A 654 -15.50 -7.73 -18.29
CA THR A 654 -14.15 -7.60 -18.81
C THR A 654 -13.86 -8.71 -19.82
N GLN A 655 -13.09 -8.39 -20.86
CA GLN A 655 -12.65 -9.39 -21.82
C GLN A 655 -11.12 -9.42 -21.81
N PHE A 656 -10.55 -10.49 -21.26
CA PHE A 656 -9.09 -10.61 -21.19
C PHE A 656 -8.53 -11.24 -22.47
N THR A 657 -8.72 -10.56 -23.59
CA THR A 657 -8.46 -11.12 -24.92
C THR A 657 -7.35 -10.39 -25.67
N PRO A 658 -6.82 -10.98 -26.77
CA PRO A 658 -5.74 -10.32 -27.49
C PRO A 658 -6.11 -8.92 -27.93
N GLU A 659 -7.36 -8.76 -28.34
CA GLU A 659 -7.89 -7.47 -28.78
C GLU A 659 -7.82 -6.39 -27.69
N LYS A 660 -7.93 -6.81 -26.41
CA LYS A 660 -7.85 -5.89 -25.28
C LYS A 660 -6.43 -5.75 -24.69
N GLY A 661 -5.52 -6.62 -25.12
CA GLY A 661 -4.12 -6.54 -24.67
C GLY A 661 -3.49 -7.76 -23.99
N TRP A 662 -4.17 -8.90 -23.99
CA TRP A 662 -3.60 -10.11 -23.39
C TRP A 662 -3.60 -11.28 -24.36
N ASP A 663 -2.43 -11.88 -24.55
CA ASP A 663 -2.30 -13.03 -25.45
C ASP A 663 -1.22 -13.95 -24.91
N GLU A 664 -1.04 -15.10 -25.55
CA GLU A 664 -0.02 -16.08 -25.14
C GLU A 664 1.34 -15.40 -24.93
N ASN A 665 2.01 -15.75 -23.83
CA ASN A 665 3.28 -15.12 -23.52
C ASN A 665 4.34 -15.39 -24.60
N LYS A 666 5.08 -14.34 -24.97
CA LYS A 666 6.21 -14.47 -25.90
C LYS A 666 7.49 -14.03 -25.21
N LEU A 667 7.36 -13.47 -24.01
CA LEU A 667 8.50 -12.85 -23.33
C LEU A 667 9.34 -13.85 -22.56
N GLU A 668 10.65 -13.85 -22.83
CA GLU A 668 11.60 -14.70 -22.10
C GLU A 668 12.37 -13.94 -21.02
N PHE A 669 12.65 -12.66 -21.27
CA PHE A 669 13.51 -11.87 -20.38
C PHE A 669 13.23 -10.39 -20.51
N PHE A 670 13.02 -9.70 -19.39
CA PHE A 670 12.89 -8.25 -19.39
C PHE A 670 13.50 -7.70 -18.10
N ARG A 671 14.70 -7.15 -18.23
CA ARG A 671 15.30 -6.39 -17.14
C ARG A 671 15.49 -4.95 -17.54
N ARG A 672 15.11 -4.06 -16.62
CA ARG A 672 15.29 -2.64 -16.83
C ARG A 672 16.25 -2.13 -15.76
N HIS A 673 17.40 -1.64 -16.21
CA HIS A 673 18.40 -1.06 -15.32
C HIS A 673 18.23 0.44 -15.22
N VAL A 674 18.08 0.95 -14.01
CA VAL A 674 17.86 2.39 -13.82
C VAL A 674 18.99 3.02 -13.02
N VAL A 675 19.65 3.99 -13.63
CA VAL A 675 20.83 4.61 -13.00
C VAL A 675 20.59 6.08 -12.76
N GLN A 676 20.73 6.51 -11.50
CA GLN A 676 20.68 7.92 -11.14
C GLN A 676 22.10 8.51 -11.26
N LEU A 677 22.25 9.52 -12.09
CA LEU A 677 23.56 10.13 -12.31
C LEU A 677 23.79 11.22 -11.26
N GLY A 678 24.03 10.78 -10.02
CA GLY A 678 24.22 11.69 -8.90
C GLY A 678 23.06 12.66 -8.78
N ARG A 679 23.38 13.92 -8.51
CA ARG A 679 22.36 14.94 -8.36
C ARG A 679 22.19 15.80 -9.62
N SER A 680 22.59 15.27 -10.76
CA SER A 680 22.56 16.03 -12.01
C SER A 680 21.16 16.25 -12.58
N GLY A 681 20.23 15.34 -12.25
CA GLY A 681 18.92 15.36 -12.88
C GLY A 681 18.86 14.42 -14.06
N LEU A 682 20.00 13.77 -14.34
CA LEU A 682 20.08 12.78 -15.42
C LEU A 682 19.86 11.37 -14.88
N PHE A 683 19.14 10.55 -15.65
CA PHE A 683 18.88 9.16 -15.32
C PHE A 683 19.11 8.34 -16.58
N VAL A 684 19.73 7.18 -16.45
CA VAL A 684 19.94 6.29 -17.59
C VAL A 684 19.05 5.07 -17.41
N VAL A 685 18.25 4.75 -18.42
CA VAL A 685 17.41 3.55 -18.35
C VAL A 685 17.82 2.60 -19.47
N TYR A 686 18.34 1.43 -19.09
CA TYR A 686 18.87 0.47 -20.05
C TYR A 686 18.10 -0.85 -19.98
N ASP A 687 17.53 -1.27 -21.11
CA ASP A 687 16.67 -2.46 -21.14
C ASP A 687 17.27 -3.66 -21.87
N GLU A 688 17.17 -4.82 -21.24
CA GLU A 688 17.48 -6.10 -21.88
C GLU A 688 16.16 -6.82 -22.12
N LEU A 689 15.87 -7.12 -23.39
CA LEU A 689 14.64 -7.80 -23.74
C LEU A 689 14.91 -9.01 -24.64
N ALA A 690 14.24 -10.12 -24.34
CA ALA A 690 14.34 -11.31 -25.15
C ALA A 690 12.99 -11.99 -25.23
N GLY A 691 12.64 -12.43 -26.44
CA GLY A 691 11.38 -13.11 -26.69
C GLY A 691 11.63 -14.49 -27.27
N LYS A 692 10.63 -15.36 -27.18
CA LYS A 692 10.79 -16.73 -27.67
C LYS A 692 10.65 -16.83 -29.18
N GLU A 693 10.39 -15.70 -29.84
CA GLU A 693 10.27 -15.63 -31.29
C GLU A 693 10.39 -14.15 -31.66
N PRO A 694 10.55 -13.83 -32.95
CA PRO A 694 10.65 -12.41 -33.28
C PRO A 694 9.36 -11.68 -32.91
N VAL A 695 9.48 -10.54 -32.21
CA VAL A 695 8.29 -9.77 -31.85
C VAL A 695 8.54 -8.29 -32.09
N GLU A 696 7.45 -7.52 -32.13
CA GLU A 696 7.56 -6.07 -32.19
C GLU A 696 7.52 -5.54 -30.77
N TRP A 697 8.56 -4.82 -30.36
CA TRP A 697 8.62 -4.29 -29.01
C TRP A 697 8.06 -2.86 -29.01
N ASN A 698 7.18 -2.57 -28.06
CA ASN A 698 6.58 -1.24 -27.97
C ASN A 698 7.09 -0.50 -26.73
N TYR A 699 7.85 0.56 -26.95
CA TYR A 699 8.43 1.37 -25.85
C TYR A 699 7.53 2.55 -25.59
N LEU A 700 7.01 2.66 -24.36
CA LEU A 700 5.97 3.66 -24.06
C LEU A 700 6.45 4.83 -23.18
N LEU A 701 5.95 6.03 -23.49
CA LEU A 701 6.09 7.20 -22.62
C LEU A 701 4.75 7.92 -22.59
N HIS A 702 4.36 8.46 -21.42
CA HIS A 702 3.12 9.22 -21.32
C HIS A 702 3.33 10.52 -20.57
N THR A 703 2.48 11.49 -20.89
CA THR A 703 2.40 12.74 -20.14
C THR A 703 0.92 12.98 -19.89
N VAL A 704 0.59 13.81 -18.89
CA VAL A 704 -0.80 13.94 -18.48
C VAL A 704 -1.31 15.38 -18.50
N GLU A 705 -0.50 16.30 -19.03
CA GLU A 705 -0.91 17.71 -19.14
C GLU A 705 -0.77 18.28 -20.56
N LEU A 706 0.36 18.01 -21.21
CA LEU A 706 0.64 18.58 -22.54
C LEU A 706 1.23 17.51 -23.45
N PRO A 707 1.00 17.62 -24.75
CA PRO A 707 1.52 16.60 -25.66
C PRO A 707 3.05 16.58 -25.67
N MET A 708 3.63 15.43 -25.98
CA MET A 708 5.07 15.32 -26.13
C MET A 708 5.49 15.87 -27.50
N GLU A 709 6.75 16.28 -27.61
CA GLU A 709 7.30 16.76 -28.88
C GLU A 709 8.44 15.86 -29.30
N VAL A 710 8.30 15.22 -30.45
CA VAL A 710 9.25 14.18 -30.85
C VAL A 710 10.03 14.62 -32.08
N VAL A 711 11.34 14.39 -32.05
CA VAL A 711 12.15 14.65 -33.23
C VAL A 711 13.24 13.59 -33.34
N LYS A 712 13.70 13.30 -34.55
CA LYS A 712 14.88 12.46 -34.73
C LYS A 712 16.09 13.16 -34.13
N GLU A 713 16.90 12.40 -33.38
CA GLU A 713 18.14 12.93 -32.80
C GLU A 713 19.25 11.91 -33.00
N GLU A 714 20.23 12.26 -33.83
CA GLU A 714 21.29 11.34 -34.21
C GLU A 714 20.66 10.03 -34.68
N GLY A 715 21.13 8.90 -34.18
CA GLY A 715 20.57 7.61 -34.59
C GLY A 715 19.35 7.18 -33.78
N GLY A 716 18.74 8.11 -33.07
CA GLY A 716 17.59 7.79 -32.24
C GLY A 716 16.49 8.85 -32.22
N LEU A 717 15.79 8.92 -31.09
CA LEU A 717 14.63 9.81 -30.96
C LEU A 717 14.74 10.70 -29.72
N ARG A 718 14.34 11.96 -29.87
CA ARG A 718 14.27 12.86 -28.73
C ARG A 718 12.80 13.09 -28.41
N ILE A 719 12.38 12.71 -27.21
CA ILE A 719 11.00 12.93 -26.80
C ILE A 719 10.98 13.94 -25.66
N LEU A 720 10.46 15.14 -25.95
CA LEU A 720 10.36 16.19 -24.95
C LEU A 720 9.01 16.11 -24.25
N GLY A 721 9.04 15.96 -22.94
CA GLY A 721 7.84 16.06 -22.13
C GLY A 721 7.92 17.32 -21.29
N LYS A 722 6.79 17.97 -21.07
CA LYS A 722 6.74 19.12 -20.18
C LYS A 722 5.40 19.21 -19.50
N ASN A 723 5.37 19.79 -18.30
CA ASN A 723 4.10 20.05 -17.64
C ASN A 723 3.73 21.52 -17.78
N LYS A 724 2.58 21.92 -17.25
CA LYS A 724 2.12 23.30 -17.42
C LYS A 724 2.85 24.31 -16.53
N ALA A 725 3.75 23.81 -15.68
CA ALA A 725 4.57 24.65 -14.81
C ALA A 725 5.99 24.73 -15.35
N ASP A 726 6.98 24.57 -14.47
CA ASP A 726 8.39 24.66 -14.87
C ASP A 726 8.99 23.35 -15.40
N GLY A 727 8.24 22.25 -15.30
CA GLY A 727 8.81 20.92 -15.43
C GLY A 727 9.13 20.41 -16.81
N ILE A 728 10.30 19.79 -16.93
CA ILE A 728 10.80 19.21 -18.18
C ILE A 728 11.31 17.79 -17.96
N SER A 729 11.03 16.89 -18.90
CA SER A 729 11.75 15.62 -18.96
C SER A 729 11.98 15.26 -20.41
N ILE A 730 13.24 15.09 -20.78
CA ILE A 730 13.59 14.76 -22.16
C ILE A 730 14.19 13.38 -22.24
N ALA A 731 13.53 12.52 -23.01
CA ALA A 731 14.03 11.17 -23.24
C ALA A 731 14.87 11.20 -24.51
N HIS A 732 16.10 10.70 -24.39
CA HIS A 732 16.96 10.49 -25.55
C HIS A 732 17.06 9.00 -25.73
N LEU A 733 16.26 8.49 -26.67
CA LEU A 733 15.99 7.06 -26.79
C LEU A 733 16.68 6.40 -27.98
N TYR A 734 17.42 5.32 -27.71
CA TYR A 734 18.13 4.59 -28.76
C TYR A 734 17.80 3.11 -28.65
N SER A 735 17.84 2.40 -29.76
CA SER A 735 17.54 0.97 -29.74
C SER A 735 18.51 0.20 -30.62
N SER A 736 18.66 -1.09 -30.32
CA SER A 736 19.48 -1.97 -31.15
C SER A 736 18.80 -2.28 -32.50
N GLN A 737 17.57 -1.81 -32.68
CA GLN A 737 16.81 -1.98 -33.92
C GLN A 737 16.23 -0.65 -34.36
N GLU A 738 15.90 -0.57 -35.64
CA GLU A 738 15.23 0.62 -36.15
C GLU A 738 13.86 0.75 -35.50
N MET A 739 13.45 1.98 -35.20
CA MET A 739 12.18 2.25 -34.55
C MET A 739 11.32 3.14 -35.44
N THR A 740 10.00 2.90 -35.43
CA THR A 740 9.03 3.90 -35.86
C THR A 740 8.29 4.39 -34.61
N TYR A 741 7.63 5.54 -34.69
CA TYR A 741 6.92 6.04 -33.51
C TYR A 741 5.57 6.64 -33.89
N ALA A 742 4.70 6.75 -32.89
CA ALA A 742 3.45 7.52 -33.02
C ALA A 742 3.07 8.10 -31.67
N GLN A 743 2.27 9.15 -31.70
CA GLN A 743 1.67 9.71 -30.48
C GLN A 743 0.16 9.81 -30.68
N THR A 744 -0.59 9.69 -29.59
CA THR A 744 -2.03 9.89 -29.67
C THR A 744 -2.54 10.55 -28.40
N ASP A 745 -3.71 11.16 -28.49
CA ASP A 745 -4.34 11.78 -27.33
C ASP A 745 -5.45 10.91 -26.76
N THR A 746 -5.71 9.76 -27.38
CA THR A 746 -6.87 8.94 -27.02
C THR A 746 -6.55 7.75 -26.12
N PHE A 747 -7.41 7.50 -25.14
CA PHE A 747 -7.26 6.31 -24.31
C PHE A 747 -7.76 5.11 -25.11
N PHE A 748 -7.35 3.90 -24.72
CA PHE A 748 -7.84 2.69 -25.37
C PHE A 748 -9.38 2.63 -25.32
N VAL A 749 -9.95 3.11 -24.21
CA VAL A 749 -11.40 3.24 -24.07
C VAL A 749 -11.61 4.48 -23.19
N ALA A 750 -12.70 5.21 -23.41
CA ALA A 750 -12.92 6.50 -22.73
C ALA A 750 -12.92 6.36 -21.22
N ALA A 751 -12.39 7.39 -20.55
CA ALA A 751 -12.41 7.44 -19.09
C ALA A 751 -13.76 8.02 -18.65
N LEU A 752 -14.83 7.26 -18.81
CA LEU A 752 -16.16 7.74 -18.41
C LEU A 752 -16.30 7.73 -16.89
N ASP A 753 -16.64 8.87 -16.30
CA ASP A 753 -16.80 8.96 -14.84
C ASP A 753 -18.23 8.53 -14.48
N TRP A 754 -18.52 7.24 -14.69
CA TRP A 754 -19.87 6.70 -14.55
C TRP A 754 -20.40 6.74 -13.13
N LYS A 755 -19.51 6.90 -12.15
CA LYS A 755 -19.88 6.94 -10.74
C LYS A 755 -20.56 8.24 -10.34
N LYS A 756 -20.42 9.27 -11.17
CA LYS A 756 -21.01 10.58 -10.87
C LYS A 756 -22.23 10.81 -11.75
N ARG A 757 -23.24 11.47 -11.18
CA ARG A 757 -24.46 11.81 -11.94
C ARG A 757 -24.08 12.60 -13.19
N LEU A 758 -24.55 12.12 -14.34
CA LEU A 758 -24.24 12.73 -15.64
C LEU A 758 -22.72 12.83 -15.87
N GLY A 759 -21.97 11.88 -15.31
CA GLY A 759 -20.53 11.85 -15.45
C GLY A 759 -20.10 11.77 -16.91
N LYS A 760 -19.12 12.58 -17.28
CA LYS A 760 -18.65 12.61 -18.66
C LYS A 760 -17.24 12.04 -18.73
N ALA A 761 -16.65 12.09 -19.92
CA ALA A 761 -15.27 11.64 -20.10
C ALA A 761 -14.30 12.57 -19.38
N LEU A 762 -13.32 11.99 -18.68
CA LEU A 762 -12.32 12.76 -17.95
C LEU A 762 -11.22 13.19 -18.92
N PRO A 763 -10.39 14.19 -18.52
CA PRO A 763 -9.45 14.77 -19.50
C PRO A 763 -8.48 13.78 -20.15
N ASN A 764 -8.18 14.00 -21.42
CA ASN A 764 -7.27 13.15 -22.18
C ASN A 764 -5.84 13.27 -21.68
N HIS A 765 -5.05 12.23 -21.93
CA HIS A 765 -3.62 12.27 -21.62
C HIS A 765 -2.89 12.08 -22.95
N TYR A 766 -1.58 11.87 -22.91
CA TYR A 766 -0.80 11.80 -24.15
C TYR A 766 0.08 10.56 -24.14
N HIS A 767 0.10 9.85 -25.27
CA HIS A 767 0.65 8.50 -25.31
C HIS A 767 1.63 8.32 -26.47
N PHE A 768 2.93 8.23 -26.16
CA PHE A 768 3.99 7.99 -27.14
C PHE A 768 4.31 6.49 -27.19
N THR A 769 4.42 5.95 -28.40
CA THR A 769 4.85 4.56 -28.58
C THR A 769 5.90 4.48 -29.68
N ALA A 770 7.09 4.01 -29.33
CA ALA A 770 8.08 3.64 -30.33
C ALA A 770 8.00 2.13 -30.53
N THR A 771 7.95 1.69 -31.79
CA THR A 771 7.82 0.27 -32.08
C THR A 771 9.02 -0.18 -32.91
N THR A 772 9.64 -1.28 -32.52
CA THR A 772 10.80 -1.80 -33.25
C THR A 772 10.39 -2.69 -34.41
N ALA A 773 11.33 -2.85 -35.34
CA ALA A 773 11.25 -3.94 -36.30
C ALA A 773 11.17 -5.24 -35.49
N PRO A 774 10.48 -6.25 -36.03
CA PRO A 774 10.36 -7.56 -35.36
C PRO A 774 11.74 -8.17 -35.10
N CYS A 775 11.97 -8.64 -33.88
CA CYS A 775 13.26 -9.25 -33.52
C CYS A 775 13.13 -10.04 -32.23
N ASN A 776 14.00 -11.04 -32.07
CA ASN A 776 13.97 -11.96 -30.93
C ASN A 776 14.54 -11.32 -29.68
N LYS A 777 15.43 -10.36 -29.91
CA LYS A 777 16.16 -9.71 -28.84
C LYS A 777 16.31 -8.23 -29.17
N VAL A 778 16.16 -7.37 -28.16
CA VAL A 778 16.32 -5.93 -28.38
C VAL A 778 16.91 -5.29 -27.13
N PHE A 779 17.61 -4.17 -27.32
CA PHE A 779 18.11 -3.37 -26.21
C PHE A 779 17.69 -1.92 -26.42
N PHE A 780 17.35 -1.24 -25.33
CA PHE A 780 17.03 0.19 -25.39
C PHE A 780 17.94 0.95 -24.44
N LEU A 781 18.39 2.10 -24.89
CA LEU A 781 19.07 3.05 -24.00
C LEU A 781 18.24 4.33 -23.99
N ASN A 782 17.87 4.77 -22.78
CA ASN A 782 17.13 6.01 -22.63
C ASN A 782 17.83 6.89 -21.60
N ILE A 783 18.41 7.98 -22.09
CA ILE A 783 19.00 8.96 -21.19
C ILE A 783 17.95 10.03 -20.93
N ILE A 784 17.50 10.13 -19.68
CA ILE A 784 16.43 11.06 -19.37
C ILE A 784 16.99 12.26 -18.63
N ASP A 785 16.65 13.44 -19.16
CA ASP A 785 17.08 14.72 -18.60
C ASP A 785 15.87 15.38 -17.92
N VAL A 786 15.90 15.43 -16.59
CA VAL A 786 14.79 15.93 -15.79
C VAL A 786 15.22 17.25 -15.14
N HIS A 787 14.53 18.34 -15.45
CA HIS A 787 14.87 19.63 -14.87
C HIS A 787 13.72 20.62 -14.92
N GLY A 788 13.97 21.80 -14.36
CA GLY A 788 13.01 22.88 -14.44
C GLY A 788 13.72 24.14 -14.89
N ASN A 789 13.44 25.24 -14.20
CA ASN A 789 14.10 26.50 -14.51
C ASN A 789 15.46 26.60 -13.83
N ASN A 790 15.92 25.51 -13.22
CA ASN A 790 17.23 25.50 -12.55
C ASN A 790 18.43 25.49 -13.50
N ARG A 791 18.25 24.92 -14.70
CA ARG A 791 19.33 24.85 -15.68
C ARG A 791 18.75 24.60 -17.07
N ALA A 792 19.57 24.74 -18.09
CA ALA A 792 19.14 24.44 -19.47
C ALA A 792 19.16 22.93 -19.70
N ASP A 793 18.61 22.49 -20.83
CA ASP A 793 18.67 21.08 -21.21
C ASP A 793 20.12 20.61 -21.22
N ALA A 794 20.36 19.38 -20.79
CA ALA A 794 21.68 18.79 -20.89
C ALA A 794 21.98 18.48 -22.36
N VAL A 795 23.24 18.65 -22.77
CA VAL A 795 23.62 18.34 -24.15
C VAL A 795 24.17 16.93 -24.22
N ILE A 796 23.57 16.08 -25.05
CA ILE A 796 24.04 14.72 -25.24
C ILE A 796 25.00 14.66 -26.43
N ASN A 797 26.26 14.28 -26.19
CA ASN A 797 27.25 14.21 -27.26
C ASN A 797 27.51 12.79 -27.73
N HIS A 798 27.44 12.58 -29.04
CA HIS A 798 27.73 11.28 -29.61
C HIS A 798 29.10 11.31 -30.26
N GLN A 799 30.13 10.99 -29.48
CA GLN A 799 31.52 11.08 -29.92
C GLN A 799 32.29 9.81 -29.59
N GLY A 800 33.33 9.54 -30.36
CA GLY A 800 34.25 8.45 -30.05
C GLY A 800 33.58 7.10 -29.92
N ASN A 801 32.47 6.94 -30.63
CA ASN A 801 31.68 5.71 -30.59
C ASN A 801 31.16 5.37 -29.19
N HIS A 802 30.86 6.42 -28.42
CA HIS A 802 30.07 6.28 -27.22
C HIS A 802 29.28 7.56 -27.03
N ILE A 803 28.79 7.78 -25.83
CA ILE A 803 27.91 8.92 -25.55
C ILE A 803 28.41 9.63 -24.31
N THR A 804 28.51 10.96 -24.37
CA THR A 804 28.94 11.72 -23.20
C THR A 804 27.95 12.82 -22.85
N VAL A 805 27.76 13.04 -21.56
CA VAL A 805 26.91 14.13 -21.08
C VAL A 805 27.42 14.62 -19.72
N GLU A 806 27.76 15.90 -19.62
CA GLU A 806 28.19 16.48 -18.35
C GLU A 806 29.31 15.70 -17.66
N GLY A 807 30.31 15.25 -18.42
CA GLY A 807 31.39 14.51 -17.81
C GLY A 807 31.09 13.03 -17.55
N TRP A 808 29.88 12.60 -17.88
CA TRP A 808 29.57 11.18 -17.84
C TRP A 808 29.86 10.55 -19.20
N VAL A 809 30.57 9.42 -19.18
CA VAL A 809 30.75 8.62 -20.39
C VAL A 809 29.85 7.40 -20.27
N ILE A 810 29.03 7.16 -21.29
CA ILE A 810 28.07 6.07 -21.26
C ILE A 810 28.32 5.14 -22.44
N GLU A 811 28.62 3.87 -22.14
CA GLU A 811 28.79 2.85 -23.15
C GLU A 811 27.82 1.72 -22.85
N CYS A 812 27.23 1.12 -23.89
CA CYS A 812 26.35 -0.03 -23.68
C CYS A 812 26.24 -0.85 -24.94
N ASN A 813 25.67 -2.04 -24.81
CA ASN A 813 25.40 -2.86 -25.96
C ASN A 813 24.06 -2.50 -26.60
N LEU A 814 24.12 -2.11 -27.87
CA LEU A 814 22.91 -1.88 -28.66
C LEU A 814 22.97 -2.80 -29.89
N ASP A 815 23.15 -4.09 -29.62
CA ASP A 815 23.35 -5.07 -30.66
C ASP A 815 22.51 -6.29 -30.26
N SER A 816 21.43 -6.53 -31.00
CA SER A 816 20.54 -7.66 -30.69
C SER A 816 21.26 -9.02 -30.66
N GLU A 817 22.39 -9.11 -31.36
CA GLU A 817 23.15 -10.36 -31.39
C GLU A 817 24.32 -10.36 -30.39
N GLY A 818 24.53 -9.25 -29.69
CA GLY A 818 25.62 -9.18 -28.73
C GLY A 818 25.15 -9.29 -27.28
N LYS A 819 26.09 -9.61 -26.38
CA LYS A 819 25.77 -9.69 -24.96
C LYS A 819 25.53 -8.29 -24.39
N ALA A 820 24.50 -8.16 -23.56
CA ALA A 820 24.20 -6.89 -22.89
C ALA A 820 25.37 -6.42 -22.05
N PHE A 821 25.62 -5.11 -22.07
CA PHE A 821 26.50 -4.47 -21.09
C PHE A 821 26.13 -3.00 -20.96
N LEU A 822 26.44 -2.42 -19.80
CA LEU A 822 26.19 -1.00 -19.55
C LEU A 822 27.38 -0.51 -18.74
N HIS A 823 28.10 0.48 -19.24
CA HIS A 823 29.24 1.02 -18.50
C HIS A 823 29.12 2.53 -18.47
N ILE A 824 29.01 3.07 -17.25
CA ILE A 824 28.81 4.49 -17.04
C ILE A 824 29.91 4.99 -16.11
N GLU A 825 30.48 6.15 -16.40
CA GLU A 825 31.58 6.64 -15.58
C GLU A 825 31.71 8.15 -15.60
N ASN A 826 31.90 8.71 -14.41
CA ASN A 826 32.21 10.12 -14.29
C ASN A 826 33.57 10.24 -13.60
N LYS A 827 34.62 10.41 -14.39
CA LYS A 827 35.99 10.49 -13.90
C LYS A 827 36.14 11.59 -12.87
N GLN A 828 35.50 12.73 -13.13
CA GLN A 828 35.60 13.90 -12.24
C GLN A 828 34.99 13.63 -10.85
N ASN A 829 33.85 12.93 -10.81
CA ASN A 829 33.18 12.68 -9.53
C ASN A 829 33.62 11.36 -8.89
N GLY A 830 34.40 10.57 -9.62
CA GLY A 830 34.87 9.29 -9.11
C GLY A 830 33.80 8.23 -8.98
N ALA A 831 32.78 8.27 -9.84
CA ALA A 831 31.70 7.29 -9.81
C ALA A 831 31.72 6.42 -11.07
N SER A 832 31.38 5.14 -10.94
CA SER A 832 31.19 4.31 -12.12
C SER A 832 30.29 3.11 -11.87
N LEU A 833 29.71 2.59 -12.95
CA LEU A 833 28.90 1.40 -12.90
C LEU A 833 29.26 0.55 -14.11
N ASP A 834 29.45 -0.74 -13.88
CA ASP A 834 29.83 -1.69 -14.92
C ASP A 834 29.00 -2.95 -14.79
N PHE A 835 28.04 -3.12 -15.70
CA PHE A 835 27.29 -4.36 -15.81
C PHE A 835 27.71 -5.07 -17.08
N ASN A 836 28.17 -6.31 -16.94
CA ASN A 836 28.47 -7.10 -18.12
C ASN A 836 28.41 -8.59 -17.83
N TYR A 837 28.36 -9.39 -18.89
CA TYR A 837 28.29 -10.83 -18.75
C TYR A 837 29.63 -11.49 -19.00
N ASN A 838 30.68 -10.69 -19.17
CA ASN A 838 32.00 -11.23 -19.41
C ASN A 838 32.82 -11.30 -18.13
N SER A 839 33.70 -10.32 -17.90
CA SER A 839 34.54 -10.35 -16.70
C SER A 839 33.73 -10.24 -15.41
N ASN A 840 32.59 -9.55 -15.46
CA ASN A 840 31.73 -9.41 -14.29
C ASN A 840 30.79 -10.59 -14.08
N LYS A 841 30.69 -11.47 -15.08
CA LYS A 841 29.89 -12.69 -14.94
C LYS A 841 28.43 -12.41 -14.57
N GLY A 842 27.87 -11.33 -15.09
CA GLY A 842 26.47 -11.03 -14.84
C GLY A 842 26.26 -10.01 -13.74
N ALA A 843 27.33 -9.73 -12.99
CA ALA A 843 27.25 -8.79 -11.88
C ALA A 843 27.35 -7.34 -12.33
N THR A 844 26.89 -6.43 -11.47
CA THR A 844 27.09 -5.01 -11.66
C THR A 844 28.06 -4.51 -10.60
N THR A 845 29.17 -3.92 -11.02
CA THR A 845 30.13 -3.39 -10.06
C THR A 845 29.99 -1.87 -9.97
N ILE A 846 30.08 -1.35 -8.76
CA ILE A 846 29.88 0.08 -8.51
C ILE A 846 31.15 0.69 -7.94
N VAL A 847 31.49 1.89 -8.37
CA VAL A 847 32.42 2.74 -7.63
C VAL A 847 31.69 4.04 -7.30
N ASP A 848 31.74 4.44 -6.02
CA ASP A 848 31.05 5.63 -5.55
C ASP A 848 31.98 6.38 -4.59
N GLN A 849 31.66 7.64 -4.31
CA GLN A 849 32.41 8.40 -3.31
C GLN A 849 31.45 8.80 -2.21
N VAL A 850 31.66 8.25 -1.01
CA VAL A 850 30.83 8.61 0.13
C VAL A 850 31.70 9.21 1.25
N ASP A 851 31.46 10.49 1.54
CA ASP A 851 32.26 11.25 2.50
C ASP A 851 33.76 11.10 2.27
N GLY A 852 34.21 11.45 1.07
CA GLY A 852 35.63 11.43 0.75
C GLY A 852 36.27 10.06 0.70
N LYS A 853 35.47 9.00 0.81
CA LYS A 853 36.00 7.64 0.74
C LYS A 853 35.52 6.91 -0.51
N ARG A 854 36.45 6.27 -1.23
CA ARG A 854 36.09 5.45 -2.38
C ARG A 854 35.38 4.19 -1.92
N ILE A 855 34.23 3.93 -2.52
CA ILE A 855 33.42 2.78 -2.15
C ILE A 855 33.26 1.87 -3.35
N GLU A 856 33.62 0.58 -3.20
CA GLU A 856 33.44 -0.40 -4.25
C GLU A 856 32.42 -1.46 -3.83
N LYS A 857 31.47 -1.76 -4.72
CA LYS A 857 30.47 -2.80 -4.47
C LYS A 857 30.33 -3.73 -5.68
N ARG A 858 30.14 -5.01 -5.42
CA ARG A 858 29.80 -5.94 -6.48
C ARG A 858 28.38 -6.43 -6.24
N LEU A 859 27.48 -6.14 -7.18
CA LEU A 859 26.06 -6.45 -6.99
C LEU A 859 25.66 -7.70 -7.76
N VAL A 860 25.03 -8.64 -7.07
CA VAL A 860 24.48 -9.83 -7.69
C VAL A 860 23.01 -9.94 -7.28
N ASP A 861 22.28 -10.83 -7.94
CA ASP A 861 20.85 -10.96 -7.68
C ASP A 861 20.55 -11.58 -6.31
N SER A 862 19.45 -11.16 -5.70
CA SER A 862 18.85 -11.89 -4.60
C SER A 862 17.33 -11.80 -4.71
N LEU A 863 16.65 -12.87 -4.33
CA LEU A 863 15.20 -12.94 -4.36
C LEU A 863 14.59 -12.09 -3.23
N PRO A 864 13.31 -11.71 -3.35
CA PRO A 864 12.62 -11.02 -2.25
C PRO A 864 11.89 -12.01 -1.35
C1 SGN B . -13.15 -5.87 -2.74
C2 SGN B . -11.79 -5.17 -2.62
C3 SGN B . -12.00 -3.68 -2.36
C4 SGN B . -12.96 -3.05 -3.38
C5 SGN B . -14.22 -3.90 -3.54
C6 SGN B . -15.03 -3.35 -4.69
N2 SGN B . -11.01 -5.73 -1.49
O1 SGN B . -13.88 -5.73 -1.51
O3 SGN B . -10.75 -3.01 -2.39
O4 SGN B . -13.36 -1.77 -2.91
O5 SGN B . -13.90 -5.26 -3.80
O6 SGN B . -16.35 -3.88 -4.69
S1 SGN B . -10.07 -6.96 -1.95
O1S SGN B . -10.87 -8.19 -2.14
O2S SGN B . -9.32 -6.63 -3.21
O3S SGN B . -9.08 -7.16 -0.86
S2 SGN B . -17.41 -3.22 -5.61
O4S SGN B . -17.66 -1.83 -5.17
O5S SGN B . -16.92 -3.23 -7.00
O6S SGN B . -18.66 -4.00 -5.54
S UAP B . -14.33 1.71 -6.11
C1 UAP B . -12.88 -0.69 -3.71
C2 UAP B . -13.98 0.34 -3.92
O2 UAP B . -13.48 1.27 -4.88
C3 UAP B . -14.41 1.04 -2.62
O3 UAP B . -15.22 0.13 -1.86
C4 UAP B . -13.19 1.43 -1.81
C5 UAP B . -12.12 0.63 -1.85
O5 UAP B . -11.77 -0.05 -3.10
C6 UAP B . -11.28 0.41 -0.67
O1S UAP B . -15.05 2.96 -5.77
O2S UAP B . -13.46 1.97 -7.27
O3S UAP B . -15.33 0.65 -6.44
O6B UAP B . -11.51 1.10 0.36
O6A UAP B . -10.40 -0.47 -0.72
CA CA C . -5.08 -0.65 1.27
CA CA D . 1.06 0.17 -8.48
#